data_1SUS
#
_entry.id   1SUS
#
_cell.length_a   60.854
_cell.length_b   136.486
_cell.length_c   332.778
_cell.angle_alpha   90.00
_cell.angle_beta   90.00
_cell.angle_gamma   90.00
#
_symmetry.space_group_name_H-M   'C 2 2 21'
#
loop_
_entity.id
_entity.type
_entity.pdbx_description
1 polymer 'Caffeoyl-CoA O-methyltransferase'
2 non-polymer 'CALCIUM ION'
3 non-polymer S-ADENOSYL-L-HOMOCYSTEINE
4 non-polymer 'SINAPOYL COENZYME A'
5 water water
#
_entity_poly.entity_id   1
_entity_poly.type   'polypeptide(L)'
_entity_poly.pdbx_seq_one_letter_code
;MATNEDQKQTESGRHQEVGHKSLLQSDALYQYILETSVFPREHEAMKELREVTAKHPWNIMTTSADEGQFLSMLLKLINA
KNTMEIGVYTGYSLLATALAIPEDGKILAMDINKENYELGLPVIKKAGVDHKIDFREGPALPVLDEMIKDEKNHGSYDFI
FVDADKDNYLNYHKRLIDLVKVGGVIGYDNTLWNGSVVAPPDAPLRKYVRYYRDFVLELNKALAVDPRIEICMLPVGDGI
TICRRIK
;
_entity_poly.pdbx_strand_id   A,B,C,D
#
loop_
_chem_comp.id
_chem_comp.type
_chem_comp.name
_chem_comp.formula
CA non-polymer 'CALCIUM ION' 'Ca 2'
SPF non-polymer 'SINAPOYL COENZYME A' 'C32 H44 N7 O20 P3 S'
#
# COMPACT_ATOMS: atom_id res chain seq x y z
N LYS A 21 16.87 3.72 -15.97
CA LYS A 21 16.49 4.54 -14.78
C LYS A 21 15.11 4.16 -14.26
N SER A 22 14.56 5.01 -13.38
CA SER A 22 13.24 4.80 -12.79
C SER A 22 12.61 6.15 -12.43
N LEU A 23 11.40 6.11 -11.88
CA LEU A 23 10.66 7.32 -11.51
C LEU A 23 10.90 7.87 -10.11
N LEU A 24 11.66 7.14 -9.29
CA LEU A 24 11.92 7.57 -7.93
C LEU A 24 12.96 8.69 -7.92
N GLN A 25 13.38 9.12 -6.74
CA GLN A 25 14.37 10.20 -6.66
C GLN A 25 15.81 9.72 -6.88
N SER A 26 16.12 8.51 -6.42
CA SER A 26 17.47 7.99 -6.58
C SER A 26 17.46 6.53 -6.99
N ASP A 27 18.44 6.15 -7.82
CA ASP A 27 18.55 4.78 -8.29
C ASP A 27 18.83 3.88 -7.09
N ALA A 28 19.37 4.50 -6.05
CA ALA A 28 19.70 3.74 -4.84
C ALA A 28 18.42 3.42 -4.07
N LEU A 29 17.48 4.37 -4.02
CA LEU A 29 16.22 4.16 -3.30
C LEU A 29 15.48 3.03 -3.97
N TYR A 30 15.47 3.07 -5.28
CA TYR A 30 14.81 2.06 -6.08
C TYR A 30 15.43 0.71 -5.76
N GLN A 31 16.76 0.63 -5.86
CA GLN A 31 17.50 -0.58 -5.59
C GLN A 31 17.19 -1.15 -4.21
N TYR A 32 17.20 -0.28 -3.20
CA TYR A 32 16.91 -0.68 -1.83
C TYR A 32 15.62 -1.49 -1.80
N ILE A 33 14.63 -1.02 -2.57
CA ILE A 33 13.34 -1.69 -2.65
C ILE A 33 13.51 -3.07 -3.25
N LEU A 34 14.25 -3.13 -4.34
CA LEU A 34 14.52 -4.38 -5.05
C LEU A 34 15.25 -5.41 -4.22
N GLU A 35 16.39 -4.97 -3.67
CA GLU A 35 17.26 -5.82 -2.86
C GLU A 35 16.63 -6.32 -1.57
N THR A 36 15.75 -5.53 -0.98
CA THR A 36 15.13 -5.93 0.27
C THR A 36 13.71 -6.47 0.15
N SER A 37 12.95 -5.99 -0.83
CA SER A 37 11.56 -6.42 -0.98
C SER A 37 11.21 -7.25 -2.20
N VAL A 38 12.10 -7.33 -3.19
CA VAL A 38 11.77 -8.09 -4.40
C VAL A 38 12.64 -9.31 -4.71
N PHE A 39 13.90 -9.11 -5.03
CA PHE A 39 14.79 -10.23 -5.39
C PHE A 39 14.73 -11.43 -4.45
N PRO A 40 14.72 -11.20 -3.14
CA PRO A 40 14.65 -12.33 -2.20
C PRO A 40 13.22 -12.86 -2.27
N ARG A 41 13.03 -14.16 -2.28
CA ARG A 41 11.66 -14.70 -2.37
C ARG A 41 10.98 -14.17 -3.66
N GLU A 42 11.44 -14.61 -4.83
CA GLU A 42 10.82 -14.17 -6.09
C GLU A 42 10.82 -15.30 -7.12
N HIS A 43 10.30 -16.43 -6.67
CA HIS A 43 10.21 -17.64 -7.48
C HIS A 43 11.50 -18.24 -8.05
N GLU A 44 12.05 -17.60 -9.09
CA GLU A 44 13.30 -18.00 -9.75
C GLU A 44 13.08 -17.99 -11.24
N ALA A 45 11.93 -18.52 -11.64
CA ALA A 45 11.56 -18.54 -13.05
C ALA A 45 11.61 -17.10 -13.53
N MET A 46 11.27 -16.17 -12.65
CA MET A 46 11.30 -14.76 -12.98
C MET A 46 12.77 -14.41 -13.21
N LYS A 47 13.60 -14.79 -12.23
CA LYS A 47 15.02 -14.53 -12.30
C LYS A 47 15.56 -15.06 -13.63
N GLU A 48 15.19 -16.30 -13.96
CA GLU A 48 15.62 -16.94 -15.19
C GLU A 48 15.24 -16.10 -16.40
N LEU A 49 13.94 -15.90 -16.59
CA LEU A 49 13.40 -15.15 -17.71
C LEU A 49 13.99 -13.74 -17.78
N ARG A 50 14.15 -13.12 -16.63
CA ARG A 50 14.71 -11.78 -16.57
C ARG A 50 16.15 -11.80 -17.11
N GLU A 51 16.80 -12.95 -16.98
CA GLU A 51 18.17 -13.16 -17.44
C GLU A 51 18.21 -13.38 -18.94
N VAL A 52 17.30 -14.21 -19.43
CA VAL A 52 17.22 -14.48 -20.86
C VAL A 52 16.94 -13.18 -21.62
N THR A 53 16.00 -12.39 -21.11
CA THR A 53 15.62 -11.12 -21.73
C THR A 53 16.73 -10.09 -21.78
N ALA A 54 17.59 -10.10 -20.78
CA ALA A 54 18.70 -9.16 -20.74
C ALA A 54 19.58 -9.23 -22.00
N LYS A 55 19.64 -10.41 -22.61
CA LYS A 55 20.45 -10.65 -23.81
C LYS A 55 19.80 -10.12 -25.09
N HIS A 56 18.50 -9.87 -25.03
CA HIS A 56 17.75 -9.39 -26.18
C HIS A 56 17.86 -7.87 -26.38
N PRO A 57 17.87 -7.44 -27.64
CA PRO A 57 17.98 -6.02 -28.02
C PRO A 57 16.98 -5.03 -27.39
N TRP A 58 15.69 -5.36 -27.42
CA TRP A 58 14.68 -4.46 -26.89
C TRP A 58 14.30 -4.67 -25.44
N ASN A 59 15.19 -5.33 -24.70
CA ASN A 59 14.97 -5.59 -23.28
C ASN A 59 14.54 -4.36 -22.47
N ILE A 60 14.68 -3.17 -23.03
CA ILE A 60 14.31 -1.96 -22.31
C ILE A 60 12.81 -1.97 -22.02
N MET A 61 12.09 -2.82 -22.76
CA MET A 61 10.65 -2.94 -22.66
C MET A 61 10.12 -3.93 -21.61
N THR A 62 10.96 -4.86 -21.18
CA THR A 62 10.52 -5.81 -20.18
C THR A 62 10.05 -5.00 -18.98
N THR A 63 9.06 -5.49 -18.25
CA THR A 63 8.62 -4.73 -17.11
C THR A 63 9.51 -5.08 -15.89
N SER A 64 9.65 -4.11 -14.99
CA SER A 64 10.48 -4.24 -13.80
C SER A 64 9.99 -5.26 -12.78
N ALA A 65 10.92 -5.76 -11.97
CA ALA A 65 10.61 -6.74 -10.95
C ALA A 65 9.65 -6.20 -9.89
N ASP A 66 9.85 -4.94 -9.49
CA ASP A 66 9.00 -4.32 -8.49
C ASP A 66 7.55 -4.22 -8.98
N GLU A 67 7.39 -4.00 -10.28
CA GLU A 67 6.07 -3.91 -10.89
C GLU A 67 5.43 -5.28 -11.10
N GLY A 68 6.24 -6.31 -11.28
CA GLY A 68 5.69 -7.63 -11.46
C GLY A 68 5.26 -8.13 -10.11
N GLN A 69 5.92 -7.61 -9.08
CA GLN A 69 5.62 -7.98 -7.71
C GLN A 69 4.30 -7.33 -7.34
N PHE A 70 4.10 -6.09 -7.77
CA PHE A 70 2.84 -5.41 -7.48
C PHE A 70 1.69 -6.10 -8.21
N LEU A 71 1.90 -6.46 -9.47
CA LEU A 71 0.88 -7.15 -10.23
C LEU A 71 0.53 -8.47 -9.53
N SER A 72 1.54 -9.20 -9.06
CA SER A 72 1.27 -10.46 -8.37
C SER A 72 0.32 -10.21 -7.19
N MET A 73 0.72 -9.26 -6.36
CA MET A 73 -0.04 -8.87 -5.20
C MET A 73 -1.50 -8.60 -5.58
N LEU A 74 -1.69 -7.70 -6.52
CA LEU A 74 -3.00 -7.31 -6.99
C LEU A 74 -3.83 -8.47 -7.49
N LEU A 75 -3.23 -9.34 -8.30
CA LEU A 75 -3.95 -10.49 -8.82
C LEU A 75 -4.48 -11.32 -7.66
N LYS A 76 -3.62 -11.66 -6.72
CA LYS A 76 -3.99 -12.43 -5.53
C LYS A 76 -5.14 -11.75 -4.79
N LEU A 77 -4.94 -10.49 -4.42
CA LEU A 77 -5.95 -9.71 -3.73
C LEU A 77 -7.32 -9.73 -4.40
N ILE A 78 -7.38 -9.59 -5.73
CA ILE A 78 -8.70 -9.59 -6.38
C ILE A 78 -9.14 -10.98 -6.77
N ASN A 79 -8.32 -11.95 -6.42
CA ASN A 79 -8.60 -13.35 -6.70
C ASN A 79 -9.03 -13.58 -8.14
N ALA A 80 -8.33 -12.97 -9.07
CA ALA A 80 -8.62 -13.09 -10.48
C ALA A 80 -8.36 -14.50 -11.00
N LYS A 81 -9.13 -14.90 -11.99
CA LYS A 81 -8.97 -16.24 -12.59
C LYS A 81 -8.90 -16.17 -14.12
N ASN A 82 -9.72 -15.32 -14.71
CA ASN A 82 -9.73 -15.17 -16.16
C ASN A 82 -9.19 -13.80 -16.53
N THR A 83 -8.06 -13.79 -17.24
CA THR A 83 -7.42 -12.51 -17.59
C THR A 83 -6.97 -12.39 -19.03
N MET A 84 -6.57 -11.18 -19.40
CA MET A 84 -6.09 -10.87 -20.74
C MET A 84 -4.86 -9.95 -20.65
N GLU A 85 -3.91 -10.15 -21.56
CA GLU A 85 -2.72 -9.32 -21.64
C GLU A 85 -2.47 -8.91 -23.08
N ILE A 86 -2.29 -7.61 -23.30
CA ILE A 86 -2.02 -7.08 -24.64
C ILE A 86 -0.61 -6.53 -24.62
N GLY A 87 0.31 -7.25 -25.25
CA GLY A 87 1.70 -6.83 -25.25
C GLY A 87 2.42 -7.81 -24.34
N VAL A 88 2.89 -8.90 -24.93
CA VAL A 88 3.54 -9.97 -24.20
C VAL A 88 5.04 -9.88 -24.05
N TYR A 89 5.72 -9.71 -25.18
CA TYR A 89 7.18 -9.61 -25.27
C TYR A 89 7.95 -10.46 -24.28
N THR A 90 8.61 -11.51 -24.74
CA THR A 90 9.43 -12.31 -23.82
C THR A 90 8.64 -13.02 -22.71
N GLY A 91 7.67 -12.34 -22.10
CA GLY A 91 6.85 -12.99 -21.10
C GLY A 91 6.89 -12.65 -19.62
N TYR A 92 7.63 -11.63 -19.24
CA TYR A 92 7.72 -11.27 -17.83
C TYR A 92 6.40 -11.05 -17.08
N SER A 93 5.57 -10.11 -17.55
CA SER A 93 4.27 -9.85 -16.95
C SER A 93 3.44 -11.15 -16.96
N LEU A 94 3.50 -11.83 -18.10
CA LEU A 94 2.79 -13.06 -18.35
C LEU A 94 3.06 -14.12 -17.29
N LEU A 95 4.35 -14.45 -17.18
CA LEU A 95 4.84 -15.45 -16.24
C LEU A 95 4.35 -15.05 -14.87
N ALA A 96 4.60 -13.80 -14.52
CA ALA A 96 4.17 -13.30 -13.23
C ALA A 96 2.68 -13.55 -13.05
N THR A 97 1.90 -13.25 -14.08
CA THR A 97 0.44 -13.43 -14.01
C THR A 97 0.06 -14.89 -13.81
N ALA A 98 0.65 -15.78 -14.62
CA ALA A 98 0.36 -17.21 -14.56
C ALA A 98 0.76 -17.86 -13.24
N LEU A 99 1.82 -17.37 -12.61
CA LEU A 99 2.24 -17.92 -11.33
C LEU A 99 1.37 -17.42 -10.19
N ALA A 100 0.58 -16.39 -10.44
CA ALA A 100 -0.26 -15.84 -9.38
C ALA A 100 -1.67 -16.36 -9.37
N ILE A 101 -2.29 -16.51 -10.53
CA ILE A 101 -3.67 -16.99 -10.58
C ILE A 101 -3.74 -18.49 -10.32
N PRO A 102 -4.89 -18.97 -9.80
CA PRO A 102 -5.09 -20.38 -9.50
C PRO A 102 -4.73 -21.34 -10.62
N GLU A 103 -4.58 -22.61 -10.26
CA GLU A 103 -4.19 -23.65 -11.20
C GLU A 103 -5.06 -23.75 -12.43
N ASP A 104 -6.36 -23.42 -12.30
CA ASP A 104 -7.27 -23.45 -13.43
C ASP A 104 -7.47 -22.07 -14.09
N GLY A 105 -6.57 -21.14 -13.78
CA GLY A 105 -6.65 -19.81 -14.38
C GLY A 105 -6.37 -19.82 -15.87
N LYS A 106 -6.86 -18.79 -16.55
CA LYS A 106 -6.67 -18.67 -17.99
C LYS A 106 -6.30 -17.25 -18.39
N ILE A 107 -5.37 -17.13 -19.34
CA ILE A 107 -4.92 -15.84 -19.82
C ILE A 107 -4.92 -15.77 -21.32
N LEU A 108 -5.60 -14.77 -21.87
CA LEU A 108 -5.60 -14.55 -23.31
C LEU A 108 -4.48 -13.53 -23.55
N ALA A 109 -3.38 -13.94 -24.19
CA ALA A 109 -2.27 -13.01 -24.45
C ALA A 109 -2.10 -12.72 -25.93
N MET A 110 -1.99 -11.43 -26.27
CA MET A 110 -1.87 -10.99 -27.65
C MET A 110 -0.64 -10.13 -27.92
N ASP A 111 0.15 -10.48 -28.93
CA ASP A 111 1.30 -9.68 -29.29
C ASP A 111 1.53 -9.82 -30.80
N ILE A 112 2.08 -8.79 -31.43
CA ILE A 112 2.29 -8.87 -32.87
C ILE A 112 3.53 -9.65 -33.28
N ASN A 113 4.47 -9.81 -32.35
CA ASN A 113 5.69 -10.50 -32.67
C ASN A 113 5.66 -12.03 -32.67
N LYS A 114 5.67 -12.65 -31.51
CA LYS A 114 5.66 -14.12 -31.42
C LYS A 114 7.05 -14.76 -31.28
N GLU A 115 8.03 -14.34 -32.07
CA GLU A 115 9.36 -14.92 -31.91
C GLU A 115 9.87 -14.51 -30.54
N ASN A 116 9.58 -13.29 -30.12
CA ASN A 116 10.03 -12.81 -28.82
C ASN A 116 9.34 -13.58 -27.71
N TYR A 117 8.09 -13.97 -27.94
CA TYR A 117 7.34 -14.73 -26.96
C TYR A 117 7.94 -16.10 -26.73
N GLU A 118 8.38 -16.73 -27.81
CA GLU A 118 8.95 -18.07 -27.76
C GLU A 118 10.34 -18.08 -27.14
N LEU A 119 10.94 -16.90 -27.10
CA LEU A 119 12.25 -16.76 -26.51
C LEU A 119 12.14 -16.97 -24.99
N GLY A 120 10.95 -16.72 -24.45
CA GLY A 120 10.75 -16.90 -23.02
C GLY A 120 9.88 -18.08 -22.64
N LEU A 121 9.10 -18.55 -23.61
CA LEU A 121 8.19 -19.67 -23.42
C LEU A 121 8.86 -20.88 -22.74
N PRO A 122 10.17 -21.10 -22.96
CA PRO A 122 10.81 -22.25 -22.31
C PRO A 122 10.80 -22.15 -20.78
N VAL A 123 10.98 -20.94 -20.26
CA VAL A 123 10.98 -20.70 -18.83
C VAL A 123 9.56 -20.90 -18.25
N ILE A 124 8.55 -20.44 -18.97
CA ILE A 124 7.18 -20.58 -18.50
C ILE A 124 6.81 -22.06 -18.43
N LYS A 125 7.29 -22.83 -19.40
CA LYS A 125 7.03 -24.25 -19.44
C LYS A 125 7.77 -24.89 -18.28
N LYS A 126 8.99 -24.42 -18.03
CA LYS A 126 9.78 -24.95 -16.94
C LYS A 126 9.16 -24.64 -15.57
N ALA A 127 8.18 -23.75 -15.54
CA ALA A 127 7.51 -23.41 -14.28
C ALA A 127 6.16 -24.09 -14.26
N GLY A 128 5.96 -24.97 -15.24
CA GLY A 128 4.72 -25.70 -15.34
C GLY A 128 3.47 -24.86 -15.21
N VAL A 129 3.41 -23.73 -15.92
CA VAL A 129 2.25 -22.85 -15.83
C VAL A 129 1.79 -22.36 -17.21
N ASP A 130 2.54 -22.80 -18.23
CA ASP A 130 2.28 -22.45 -19.62
C ASP A 130 0.90 -22.90 -20.15
N HIS A 131 0.27 -23.83 -19.47
CA HIS A 131 -1.03 -24.32 -19.89
C HIS A 131 -2.17 -23.31 -19.68
N LYS A 132 -1.92 -22.25 -18.90
CA LYS A 132 -2.96 -21.25 -18.64
C LYS A 132 -2.93 -20.16 -19.72
N ILE A 133 -1.93 -20.27 -20.58
CA ILE A 133 -1.69 -19.31 -21.64
C ILE A 133 -2.18 -19.66 -23.03
N ASP A 134 -2.99 -18.78 -23.61
CA ASP A 134 -3.48 -18.93 -24.98
C ASP A 134 -2.91 -17.77 -25.79
N PHE A 135 -1.73 -17.96 -26.36
CA PHE A 135 -1.11 -16.89 -27.10
C PHE A 135 -1.68 -16.74 -28.50
N ARG A 136 -1.97 -15.50 -28.90
CA ARG A 136 -2.49 -15.22 -30.24
C ARG A 136 -1.57 -14.19 -30.91
N GLU A 137 -0.92 -14.57 -32.01
CA GLU A 137 -0.03 -13.64 -32.70
C GLU A 137 -0.80 -12.69 -33.62
N GLY A 138 -0.53 -11.40 -33.48
CA GLY A 138 -1.19 -10.40 -34.32
C GLY A 138 -1.65 -9.17 -33.56
N PRO A 139 -2.12 -8.13 -34.30
CA PRO A 139 -2.60 -6.87 -33.71
C PRO A 139 -3.77 -7.13 -32.77
N ALA A 140 -3.80 -6.42 -31.64
CA ALA A 140 -4.87 -6.62 -30.67
C ALA A 140 -6.28 -6.09 -31.02
N LEU A 141 -6.37 -4.93 -31.66
CA LEU A 141 -7.66 -4.32 -31.99
C LEU A 141 -8.63 -5.23 -32.73
N PRO A 142 -8.19 -5.85 -33.83
CA PRO A 142 -9.04 -6.74 -34.62
C PRO A 142 -9.71 -7.77 -33.72
N VAL A 143 -8.90 -8.39 -32.87
CA VAL A 143 -9.39 -9.41 -31.95
C VAL A 143 -10.43 -8.81 -31.03
N LEU A 144 -10.10 -7.70 -30.41
CA LEU A 144 -11.03 -7.07 -29.50
C LEU A 144 -12.38 -6.84 -30.16
N ASP A 145 -12.36 -6.29 -31.37
CA ASP A 145 -13.58 -6.01 -32.11
C ASP A 145 -14.43 -7.24 -32.36
N GLU A 146 -13.79 -8.38 -32.62
CA GLU A 146 -14.58 -9.58 -32.84
C GLU A 146 -15.19 -10.10 -31.54
N MET A 147 -14.54 -9.85 -30.42
CA MET A 147 -15.08 -10.32 -29.14
C MET A 147 -16.30 -9.50 -28.74
N ILE A 148 -16.26 -8.22 -29.06
CA ILE A 148 -17.37 -7.36 -28.72
C ILE A 148 -18.69 -7.84 -29.31
N LYS A 149 -18.62 -8.37 -30.53
CA LYS A 149 -19.79 -8.86 -31.24
C LYS A 149 -20.53 -9.97 -30.50
N ASP A 150 -19.80 -10.75 -29.71
CA ASP A 150 -20.40 -11.84 -28.95
C ASP A 150 -20.75 -11.36 -27.54
N GLU A 151 -22.04 -11.16 -27.26
CA GLU A 151 -22.48 -10.68 -25.95
C GLU A 151 -22.01 -11.58 -24.82
N LYS A 152 -21.67 -12.82 -25.16
CA LYS A 152 -21.22 -13.77 -24.15
C LYS A 152 -19.88 -13.34 -23.55
N ASN A 153 -19.07 -12.61 -24.32
CA ASN A 153 -17.78 -12.15 -23.83
C ASN A 153 -17.83 -10.89 -22.95
N HIS A 154 -18.94 -10.17 -22.96
CA HIS A 154 -19.06 -8.97 -22.16
C HIS A 154 -18.92 -9.24 -20.67
N GLY A 155 -18.24 -8.32 -19.97
CA GLY A 155 -18.00 -8.48 -18.56
C GLY A 155 -17.49 -9.87 -18.19
N SER A 156 -16.68 -10.48 -19.05
CA SER A 156 -16.18 -11.82 -18.79
C SER A 156 -14.74 -11.93 -18.28
N TYR A 157 -14.12 -10.80 -17.97
CA TYR A 157 -12.74 -10.83 -17.48
C TYR A 157 -12.57 -10.19 -16.11
N ASP A 158 -11.75 -10.83 -15.29
CA ASP A 158 -11.45 -10.36 -13.96
C ASP A 158 -10.40 -9.27 -14.03
N PHE A 159 -9.41 -9.47 -14.89
CA PHE A 159 -8.31 -8.53 -15.01
C PHE A 159 -7.78 -8.39 -16.43
N ILE A 160 -7.43 -7.18 -16.81
CA ILE A 160 -6.88 -6.93 -18.15
C ILE A 160 -5.69 -6.00 -18.04
N PHE A 161 -4.53 -6.46 -18.52
CA PHE A 161 -3.31 -5.67 -18.51
C PHE A 161 -2.97 -5.17 -19.92
N VAL A 162 -2.81 -3.86 -20.05
CA VAL A 162 -2.48 -3.25 -21.35
C VAL A 162 -1.07 -2.64 -21.35
N ASP A 163 -0.15 -3.29 -22.03
CA ASP A 163 1.24 -2.82 -22.13
C ASP A 163 1.71 -2.97 -23.57
N ALA A 164 0.97 -2.36 -24.49
CA ALA A 164 1.28 -2.43 -25.91
C ALA A 164 1.51 -1.05 -26.53
N ASP A 165 0.87 -0.80 -27.66
CA ASP A 165 0.94 0.45 -28.43
C ASP A 165 1.12 1.75 -27.68
N LYS A 166 0.01 2.44 -27.46
CA LYS A 166 0.01 3.74 -26.79
C LYS A 166 -0.91 4.59 -27.60
N ASP A 167 -0.58 4.71 -28.89
CA ASP A 167 -1.41 5.46 -29.79
C ASP A 167 -2.68 4.63 -30.01
N ASN A 168 -2.77 3.51 -29.30
CA ASN A 168 -3.97 2.66 -29.40
C ASN A 168 -4.74 2.44 -28.09
N TYR A 169 -4.24 2.98 -26.97
CA TYR A 169 -4.86 2.81 -25.65
C TYR A 169 -6.32 3.25 -25.55
N LEU A 170 -6.61 4.47 -25.98
CA LEU A 170 -7.97 4.98 -25.97
C LEU A 170 -8.83 4.05 -26.82
N ASN A 171 -8.30 3.58 -27.94
CA ASN A 171 -9.07 2.68 -28.79
C ASN A 171 -9.40 1.37 -28.12
N TYR A 172 -8.43 0.85 -27.35
CA TYR A 172 -8.63 -0.38 -26.61
C TYR A 172 -9.70 -0.19 -25.54
N HIS A 173 -9.55 0.91 -24.80
CA HIS A 173 -10.47 1.24 -23.72
C HIS A 173 -11.93 1.25 -24.20
N LYS A 174 -12.17 1.63 -25.45
CA LYS A 174 -13.54 1.66 -25.96
C LYS A 174 -14.20 0.29 -25.94
N ARG A 175 -13.44 -0.78 -26.19
CA ARG A 175 -14.05 -2.10 -26.13
C ARG A 175 -13.67 -2.86 -24.87
N LEU A 176 -12.58 -2.45 -24.23
CA LEU A 176 -12.16 -3.12 -23.00
C LEU A 176 -13.16 -2.90 -21.87
N ILE A 177 -13.73 -1.70 -21.78
CA ILE A 177 -14.67 -1.38 -20.74
C ILE A 177 -15.93 -2.26 -20.71
N ASP A 178 -16.20 -2.95 -21.81
CA ASP A 178 -17.35 -3.82 -21.86
C ASP A 178 -16.92 -5.28 -21.72
N LEU A 179 -15.62 -5.52 -21.73
CA LEU A 179 -15.08 -6.86 -21.60
C LEU A 179 -14.69 -7.16 -20.16
N VAL A 180 -14.29 -6.14 -19.41
CA VAL A 180 -13.94 -6.32 -18.01
C VAL A 180 -15.29 -6.31 -17.33
N LYS A 181 -15.45 -7.10 -16.29
CA LYS A 181 -16.71 -7.11 -15.58
C LYS A 181 -16.74 -5.92 -14.60
N VAL A 182 -17.87 -5.67 -13.96
CA VAL A 182 -17.94 -4.55 -13.02
C VAL A 182 -16.91 -4.73 -11.90
N GLY A 183 -16.67 -5.97 -11.46
CA GLY A 183 -15.66 -6.20 -10.44
C GLY A 183 -14.50 -5.27 -10.78
N GLY A 184 -14.09 -5.32 -12.04
CA GLY A 184 -13.07 -4.39 -12.49
C GLY A 184 -11.64 -4.72 -12.79
N VAL A 185 -10.87 -3.66 -12.75
CA VAL A 185 -9.44 -3.66 -13.02
C VAL A 185 -8.93 -3.93 -14.42
N ILE A 186 -8.43 -2.84 -14.98
CA ILE A 186 -7.80 -2.79 -16.28
C ILE A 186 -6.54 -2.03 -15.92
N GLY A 187 -5.40 -2.54 -16.34
CA GLY A 187 -4.18 -1.83 -16.04
C GLY A 187 -3.55 -1.24 -17.28
N TYR A 188 -3.37 0.08 -17.31
CA TYR A 188 -2.72 0.73 -18.45
C TYR A 188 -1.29 1.05 -17.98
N ASP A 189 -0.33 0.40 -18.62
CA ASP A 189 1.07 0.54 -18.27
C ASP A 189 1.81 1.70 -18.94
N ASN A 190 2.77 2.26 -18.21
CA ASN A 190 3.61 3.35 -18.69
C ASN A 190 2.95 4.72 -18.78
N THR A 191 1.97 4.97 -17.94
CA THR A 191 1.27 6.24 -18.00
C THR A 191 2.05 7.50 -17.56
N LEU A 192 3.26 7.31 -17.03
CA LEU A 192 4.08 8.45 -16.62
C LEU A 192 5.21 8.60 -17.64
N TRP A 193 5.21 7.69 -18.61
CA TRP A 193 6.14 7.65 -19.74
C TRP A 193 7.54 8.27 -19.54
N ASN A 194 8.28 7.73 -18.58
CA ASN A 194 9.63 8.20 -18.31
C ASN A 194 9.66 9.63 -17.86
N GLY A 195 8.54 10.10 -17.31
CA GLY A 195 8.47 11.46 -16.84
C GLY A 195 8.31 12.49 -17.93
N SER A 196 8.50 12.08 -19.18
CA SER A 196 8.39 13.01 -20.29
C SER A 196 7.07 13.82 -20.28
N VAL A 197 6.12 13.42 -19.45
CA VAL A 197 4.84 14.12 -19.38
C VAL A 197 4.95 15.48 -18.68
N VAL A 198 6.17 15.86 -18.31
CA VAL A 198 6.42 17.15 -17.66
C VAL A 198 7.82 17.66 -18.01
N ALA A 199 8.37 17.15 -19.11
CA ALA A 199 9.68 17.57 -19.57
C ALA A 199 9.58 18.97 -20.13
N PRO A 200 10.50 19.87 -19.75
CA PRO A 200 10.52 21.26 -20.21
C PRO A 200 10.62 21.37 -21.73
N PRO A 201 9.80 22.24 -22.34
CA PRO A 201 9.77 22.46 -23.79
C PRO A 201 11.11 23.00 -24.27
N ASP A 202 12.11 22.12 -24.31
CA ASP A 202 13.47 22.52 -24.73
C ASP A 202 14.47 21.47 -24.26
N ALA A 203 13.97 20.32 -23.82
CA ALA A 203 14.85 19.26 -23.34
C ALA A 203 14.74 18.07 -24.27
N PRO A 204 15.19 18.22 -25.53
CA PRO A 204 15.14 17.13 -26.51
C PRO A 204 15.21 15.71 -25.95
N LEU A 205 14.30 14.88 -26.44
CA LEU A 205 14.21 13.49 -26.02
C LEU A 205 14.23 12.57 -27.24
N ARG A 206 14.32 11.26 -27.00
CA ARG A 206 14.35 10.31 -28.10
C ARG A 206 13.08 10.49 -28.92
N LYS A 207 13.23 10.37 -30.23
CA LYS A 207 12.11 10.54 -31.13
C LYS A 207 10.90 9.71 -30.78
N TYR A 208 11.10 8.50 -30.29
CA TYR A 208 9.94 7.68 -29.96
C TYR A 208 9.19 8.15 -28.71
N VAL A 209 9.91 8.58 -27.69
CA VAL A 209 9.22 9.03 -26.51
C VAL A 209 8.48 10.32 -26.81
N ARG A 210 9.06 11.18 -27.66
CA ARG A 210 8.41 12.44 -28.03
C ARG A 210 7.12 12.13 -28.80
N TYR A 211 7.17 11.10 -29.64
CA TYR A 211 6.01 10.69 -30.42
C TYR A 211 4.88 10.17 -29.53
N TYR A 212 5.17 9.14 -28.74
CA TYR A 212 4.17 8.55 -27.86
C TYR A 212 3.72 9.43 -26.71
N ARG A 213 4.45 10.51 -26.44
CA ARG A 213 4.08 11.39 -25.34
C ARG A 213 2.73 12.08 -25.51
N ASP A 214 2.44 12.55 -26.72
CA ASP A 214 1.17 13.23 -26.95
C ASP A 214 0.00 12.27 -26.64
N PHE A 215 0.14 11.02 -27.05
CA PHE A 215 -0.90 10.02 -26.82
C PHE A 215 -1.15 9.69 -25.36
N VAL A 216 -0.07 9.66 -24.58
CA VAL A 216 -0.17 9.37 -23.16
C VAL A 216 -0.90 10.50 -22.45
N LEU A 217 -0.46 11.74 -22.63
CA LEU A 217 -1.14 12.88 -22.00
C LEU A 217 -2.63 12.84 -22.32
N GLU A 218 -2.95 12.60 -23.59
CA GLU A 218 -4.34 12.53 -24.05
C GLU A 218 -5.06 11.38 -23.35
N LEU A 219 -4.39 10.25 -23.29
CA LEU A 219 -4.89 9.04 -22.64
C LEU A 219 -5.22 9.32 -21.19
N ASN A 220 -4.27 9.91 -20.48
CA ASN A 220 -4.46 10.22 -19.08
C ASN A 220 -5.63 11.17 -18.83
N LYS A 221 -5.75 12.20 -19.64
CA LYS A 221 -6.85 13.15 -19.46
C LYS A 221 -8.19 12.41 -19.59
N ALA A 222 -8.31 11.59 -20.64
CA ALA A 222 -9.54 10.85 -20.87
C ALA A 222 -9.88 9.95 -19.68
N LEU A 223 -8.89 9.23 -19.18
CA LEU A 223 -9.10 8.34 -18.04
C LEU A 223 -9.54 9.10 -16.80
N ALA A 224 -8.94 10.25 -16.55
CA ALA A 224 -9.31 11.06 -15.39
C ALA A 224 -10.78 11.43 -15.44
N VAL A 225 -11.30 11.67 -16.63
CA VAL A 225 -12.68 12.08 -16.82
C VAL A 225 -13.73 10.97 -17.01
N ASP A 226 -13.30 9.75 -17.34
CA ASP A 226 -14.23 8.63 -17.59
C ASP A 226 -15.08 8.17 -16.41
N PRO A 227 -16.40 8.42 -16.46
CA PRO A 227 -17.43 8.09 -15.45
C PRO A 227 -17.67 6.60 -15.19
N ARG A 228 -17.18 5.75 -16.08
CA ARG A 228 -17.38 4.31 -15.91
C ARG A 228 -16.33 3.60 -15.07
N ILE A 229 -15.26 4.30 -14.72
CA ILE A 229 -14.18 3.71 -13.93
C ILE A 229 -13.78 4.58 -12.74
N GLU A 230 -13.00 4.00 -11.81
CA GLU A 230 -12.56 4.74 -10.63
C GLU A 230 -11.11 5.28 -10.70
N ILE A 231 -10.17 4.49 -11.21
CA ILE A 231 -8.76 4.92 -11.37
C ILE A 231 -7.84 5.35 -10.22
N CYS A 232 -6.58 4.93 -10.32
CA CYS A 232 -5.50 5.24 -9.38
C CYS A 232 -4.20 5.21 -10.16
N MET A 233 -3.46 6.31 -10.15
CA MET A 233 -2.19 6.40 -10.89
C MET A 233 -1.04 6.11 -9.92
N LEU A 234 -0.47 4.90 -10.01
CA LEU A 234 0.63 4.46 -9.14
C LEU A 234 1.99 4.59 -9.81
N PRO A 235 2.88 5.44 -9.27
CA PRO A 235 4.20 5.60 -9.88
C PRO A 235 5.19 4.43 -9.81
N VAL A 236 4.69 3.21 -9.84
CA VAL A 236 5.58 2.07 -9.82
C VAL A 236 5.99 1.76 -11.27
N GLY A 237 7.21 1.23 -11.47
CA GLY A 237 7.65 0.93 -12.83
C GLY A 237 7.76 2.24 -13.61
N ASP A 238 7.07 2.31 -14.74
CA ASP A 238 7.08 3.54 -15.54
C ASP A 238 5.67 4.09 -15.39
N GLY A 239 5.00 3.65 -14.31
CA GLY A 239 3.65 4.07 -14.00
C GLY A 239 2.55 3.16 -14.52
N ILE A 240 1.63 2.80 -13.63
CA ILE A 240 0.49 1.95 -13.99
C ILE A 240 -0.71 2.75 -13.52
N THR A 241 -1.73 2.83 -14.36
CA THR A 241 -2.94 3.51 -13.96
C THR A 241 -3.98 2.42 -13.79
N ILE A 242 -4.33 2.13 -12.55
CA ILE A 242 -5.30 1.08 -12.28
C ILE A 242 -6.74 1.56 -12.38
N CYS A 243 -7.50 0.93 -13.27
CA CYS A 243 -8.90 1.29 -13.50
C CYS A 243 -9.85 0.20 -13.02
N ARG A 244 -10.83 0.60 -12.22
CA ARG A 244 -11.82 -0.34 -11.72
C ARG A 244 -13.15 0.05 -12.35
N ARG A 245 -13.78 -0.91 -13.03
CA ARG A 245 -15.05 -0.62 -13.69
C ARG A 245 -16.19 -0.49 -12.71
N ILE A 246 -16.98 0.58 -12.81
CA ILE A 246 -18.11 0.75 -11.91
C ILE A 246 -19.45 0.62 -12.64
N LYS A 247 -19.38 0.59 -13.97
CA LYS A 247 -20.55 0.45 -14.81
C LYS A 247 -20.10 0.38 -16.27
N LYS B 21 -33.20 -35.92 -16.68
CA LYS B 21 -33.21 -37.15 -15.82
C LYS B 21 -32.21 -38.22 -16.28
N SER B 22 -31.01 -38.18 -15.69
CA SER B 22 -29.94 -39.13 -15.97
C SER B 22 -30.29 -40.45 -15.31
N LEU B 23 -29.34 -41.39 -15.32
CA LEU B 23 -29.58 -42.69 -14.72
C LEU B 23 -29.08 -42.82 -13.29
N LEU B 24 -28.46 -41.76 -12.78
CA LEU B 24 -27.95 -41.78 -11.42
C LEU B 24 -29.08 -41.58 -10.38
N GLN B 25 -28.75 -41.63 -9.10
CA GLN B 25 -29.76 -41.46 -8.08
C GLN B 25 -30.33 -40.04 -7.94
N SER B 26 -29.83 -39.10 -8.75
CA SER B 26 -30.34 -37.74 -8.68
C SER B 26 -29.62 -36.80 -9.63
N ASP B 27 -30.39 -35.90 -10.25
CA ASP B 27 -29.82 -34.95 -11.19
C ASP B 27 -28.78 -34.09 -10.51
N ALA B 28 -28.93 -33.90 -9.19
CA ALA B 28 -27.96 -33.07 -8.48
C ALA B 28 -26.63 -33.77 -8.60
N LEU B 29 -26.65 -35.08 -8.38
CA LEU B 29 -25.44 -35.89 -8.46
C LEU B 29 -24.86 -35.86 -9.87
N TYR B 30 -25.70 -36.09 -10.87
CA TYR B 30 -25.25 -36.08 -12.25
C TYR B 30 -24.62 -34.73 -12.58
N GLN B 31 -25.27 -33.65 -12.14
CA GLN B 31 -24.79 -32.29 -12.36
C GLN B 31 -23.44 -32.05 -11.71
N TYR B 32 -23.18 -32.73 -10.59
CA TYR B 32 -21.93 -32.64 -9.85
C TYR B 32 -20.78 -33.12 -10.74
N ILE B 33 -21.00 -34.24 -11.43
CA ILE B 33 -20.01 -34.81 -12.33
C ILE B 33 -19.74 -33.81 -13.45
N LEU B 34 -20.81 -33.35 -14.09
CA LEU B 34 -20.70 -32.40 -15.18
C LEU B 34 -19.87 -31.19 -14.81
N GLU B 35 -20.22 -30.56 -13.71
CA GLU B 35 -19.53 -29.39 -13.24
C GLU B 35 -18.14 -29.63 -12.70
N THR B 36 -17.95 -30.74 -12.00
CA THR B 36 -16.66 -31.00 -11.40
C THR B 36 -15.63 -31.55 -12.35
N SER B 37 -16.06 -32.19 -13.42
CA SER B 37 -15.08 -32.78 -14.31
C SER B 37 -15.30 -32.63 -15.79
N VAL B 38 -16.46 -32.16 -16.21
CA VAL B 38 -16.68 -32.02 -17.64
C VAL B 38 -16.55 -30.57 -18.15
N PHE B 39 -17.46 -29.69 -17.75
CA PHE B 39 -17.43 -28.30 -18.22
C PHE B 39 -16.09 -27.60 -18.11
N PRO B 40 -15.44 -27.66 -16.94
CA PRO B 40 -14.14 -26.98 -16.82
C PRO B 40 -13.01 -27.65 -17.60
N ARG B 41 -13.31 -28.69 -18.36
CA ARG B 41 -12.25 -29.39 -19.08
C ARG B 41 -12.46 -29.55 -20.58
N GLU B 42 -13.71 -29.49 -21.02
CA GLU B 42 -14.01 -29.69 -22.43
C GLU B 42 -13.53 -28.59 -23.38
N HIS B 43 -13.36 -29.00 -24.63
CA HIS B 43 -12.92 -28.11 -25.70
C HIS B 43 -14.07 -27.14 -26.04
N GLU B 44 -13.72 -25.91 -26.42
CA GLU B 44 -14.70 -24.89 -26.78
C GLU B 44 -15.70 -25.42 -27.79
N ALA B 45 -15.20 -26.12 -28.79
CA ALA B 45 -16.02 -26.68 -29.84
C ALA B 45 -17.12 -27.58 -29.32
N MET B 46 -16.88 -28.25 -28.19
CA MET B 46 -17.90 -29.13 -27.67
C MET B 46 -19.06 -28.34 -27.10
N LYS B 47 -18.76 -27.24 -26.43
CA LYS B 47 -19.79 -26.41 -25.83
C LYS B 47 -20.56 -25.68 -26.93
N GLU B 48 -19.82 -25.21 -27.91
CA GLU B 48 -20.37 -24.50 -29.03
C GLU B 48 -21.34 -25.38 -29.80
N LEU B 49 -20.99 -26.65 -29.94
CA LEU B 49 -21.84 -27.60 -30.66
C LEU B 49 -23.02 -28.02 -29.82
N ARG B 50 -22.88 -27.97 -28.50
CA ARG B 50 -24.00 -28.34 -27.63
C ARG B 50 -25.07 -27.29 -27.79
N GLU B 51 -24.66 -26.02 -27.85
CA GLU B 51 -25.59 -24.93 -28.01
C GLU B 51 -26.27 -25.04 -29.35
N VAL B 52 -25.49 -25.33 -30.38
CA VAL B 52 -26.05 -25.47 -31.72
C VAL B 52 -27.11 -26.56 -31.78
N THR B 53 -26.77 -27.75 -31.30
CA THR B 53 -27.69 -28.88 -31.29
C THR B 53 -28.91 -28.60 -30.40
N ALA B 54 -28.80 -27.59 -29.55
CA ALA B 54 -29.90 -27.20 -28.66
C ALA B 54 -30.93 -26.35 -29.41
N LYS B 55 -30.54 -25.78 -30.55
CA LYS B 55 -31.48 -24.99 -31.33
C LYS B 55 -32.08 -25.84 -32.44
N HIS B 56 -32.08 -27.15 -32.28
CA HIS B 56 -32.63 -28.03 -33.29
C HIS B 56 -34.15 -28.01 -33.19
N PRO B 57 -34.84 -27.79 -34.32
CA PRO B 57 -36.30 -27.74 -34.42
C PRO B 57 -37.02 -28.64 -33.44
N TRP B 58 -36.58 -29.88 -33.33
CA TRP B 58 -37.19 -30.79 -32.39
C TRP B 58 -36.16 -31.54 -31.56
N ASN B 59 -35.72 -30.89 -30.50
CA ASN B 59 -34.76 -31.46 -29.58
C ASN B 59 -35.40 -32.63 -28.86
N ILE B 60 -35.44 -33.80 -29.50
CA ILE B 60 -36.05 -34.97 -28.86
C ILE B 60 -35.02 -35.96 -28.32
N MET B 61 -33.75 -35.59 -28.27
CA MET B 61 -32.74 -36.53 -27.80
C MET B 61 -31.36 -35.95 -27.54
N THR B 62 -30.37 -36.81 -27.82
CA THR B 62 -28.94 -36.56 -27.72
C THR B 62 -28.38 -35.87 -26.47
N THR B 63 -27.22 -35.26 -26.70
CA THR B 63 -26.43 -34.50 -25.75
C THR B 63 -26.38 -34.89 -24.29
N SER B 64 -25.34 -35.66 -23.96
CA SER B 64 -25.06 -36.06 -22.61
C SER B 64 -23.64 -35.54 -22.57
N ALA B 65 -23.48 -34.37 -21.98
CA ALA B 65 -22.19 -33.74 -21.88
C ALA B 65 -21.11 -34.70 -21.42
N ASP B 66 -21.50 -35.70 -20.62
CA ASP B 66 -20.55 -36.67 -20.07
C ASP B 66 -20.02 -37.70 -21.05
N GLU B 67 -20.76 -37.94 -22.14
CA GLU B 67 -20.35 -38.92 -23.14
C GLU B 67 -19.12 -38.50 -23.92
N GLY B 68 -18.91 -37.21 -24.07
CA GLY B 68 -17.75 -36.75 -24.79
C GLY B 68 -16.49 -36.89 -23.98
N GLN B 69 -16.61 -36.60 -22.69
CA GLN B 69 -15.48 -36.69 -21.78
C GLN B 69 -15.08 -38.16 -21.76
N PHE B 70 -16.06 -39.05 -21.82
CA PHE B 70 -15.77 -40.46 -21.79
C PHE B 70 -15.14 -40.99 -23.08
N LEU B 71 -15.74 -40.68 -24.24
CA LEU B 71 -15.24 -41.13 -25.54
C LEU B 71 -13.83 -40.64 -25.84
N SER B 72 -13.53 -39.43 -25.40
CA SER B 72 -12.21 -38.85 -25.57
C SER B 72 -11.19 -39.76 -24.88
N MET B 73 -11.38 -39.98 -23.58
CA MET B 73 -10.49 -40.85 -22.78
C MET B 73 -10.28 -42.23 -23.45
N LEU B 74 -11.39 -42.93 -23.74
CA LEU B 74 -11.36 -44.24 -24.38
C LEU B 74 -10.51 -44.25 -25.65
N LEU B 75 -10.77 -43.31 -26.54
CA LEU B 75 -10.05 -43.20 -27.79
C LEU B 75 -8.56 -42.98 -27.60
N LYS B 76 -8.17 -42.09 -26.69
CA LYS B 76 -6.74 -41.84 -26.46
C LYS B 76 -6.07 -43.13 -25.96
N LEU B 77 -6.61 -43.68 -24.87
CA LEU B 77 -6.08 -44.88 -24.25
C LEU B 77 -5.86 -46.06 -25.19
N ILE B 78 -6.72 -46.22 -26.19
CA ILE B 78 -6.55 -47.33 -27.11
C ILE B 78 -5.84 -46.92 -28.40
N ASN B 79 -5.48 -45.64 -28.50
CA ASN B 79 -4.78 -45.14 -29.67
C ASN B 79 -5.48 -45.29 -31.00
N ALA B 80 -6.80 -45.15 -31.02
CA ALA B 80 -7.57 -45.28 -32.26
C ALA B 80 -7.12 -44.26 -33.33
N LYS B 81 -7.00 -44.70 -34.57
CA LYS B 81 -6.60 -43.85 -35.69
C LYS B 81 -7.61 -43.94 -36.83
N ASN B 82 -8.18 -45.12 -37.01
CA ASN B 82 -9.15 -45.32 -38.08
C ASN B 82 -10.47 -45.76 -37.47
N THR B 83 -11.44 -44.85 -37.45
CA THR B 83 -12.72 -45.16 -36.85
C THR B 83 -13.92 -45.07 -37.78
N MET B 84 -15.07 -45.49 -37.24
CA MET B 84 -16.35 -45.49 -37.95
C MET B 84 -17.42 -45.01 -36.96
N GLU B 85 -18.53 -44.52 -37.47
CA GLU B 85 -19.61 -44.03 -36.63
C GLU B 85 -20.94 -44.07 -37.35
N ILE B 86 -21.85 -44.90 -36.86
CA ILE B 86 -23.18 -45.04 -37.44
C ILE B 86 -24.09 -44.24 -36.52
N GLY B 87 -24.74 -43.22 -37.07
CA GLY B 87 -25.59 -42.37 -36.25
C GLY B 87 -24.78 -41.12 -35.92
N VAL B 88 -24.96 -40.07 -36.69
CA VAL B 88 -24.23 -38.83 -36.52
C VAL B 88 -25.01 -37.68 -35.88
N TYR B 89 -26.17 -37.36 -36.43
CA TYR B 89 -27.03 -36.28 -35.92
C TYR B 89 -26.32 -35.05 -35.36
N THR B 90 -26.02 -34.06 -36.18
CA THR B 90 -25.38 -32.88 -35.61
C THR B 90 -23.89 -33.04 -35.33
N GLY B 91 -23.46 -34.26 -35.02
CA GLY B 91 -22.06 -34.55 -34.81
C GLY B 91 -21.35 -34.31 -33.51
N TYR B 92 -22.06 -34.42 -32.39
CA TYR B 92 -21.44 -34.19 -31.08
C TYR B 92 -20.35 -35.22 -30.77
N SER B 93 -20.69 -36.50 -30.84
CA SER B 93 -19.69 -37.52 -30.57
C SER B 93 -18.72 -37.56 -31.74
N LEU B 94 -19.19 -37.13 -32.91
CA LEU B 94 -18.35 -37.11 -34.10
C LEU B 94 -17.23 -36.12 -33.84
N LEU B 95 -17.58 -34.93 -33.35
CA LEU B 95 -16.61 -33.88 -33.05
C LEU B 95 -15.66 -34.35 -31.97
N ALA B 96 -16.18 -35.11 -31.01
CA ALA B 96 -15.39 -35.63 -29.91
C ALA B 96 -14.30 -36.60 -30.38
N THR B 97 -14.62 -37.40 -31.40
CA THR B 97 -13.69 -38.35 -31.93
C THR B 97 -12.62 -37.65 -32.77
N ALA B 98 -13.07 -36.76 -33.64
CA ALA B 98 -12.19 -36.00 -34.51
C ALA B 98 -11.18 -35.19 -33.71
N LEU B 99 -11.60 -34.61 -32.60
CA LEU B 99 -10.69 -33.85 -31.79
C LEU B 99 -9.72 -34.78 -31.06
N ALA B 100 -10.15 -36.02 -30.82
CA ALA B 100 -9.36 -36.99 -30.07
C ALA B 100 -8.29 -37.77 -30.79
N ILE B 101 -8.59 -38.25 -31.99
CA ILE B 101 -7.62 -39.03 -32.72
C ILE B 101 -6.53 -38.16 -33.32
N PRO B 102 -5.39 -38.79 -33.67
CA PRO B 102 -4.29 -38.04 -34.25
C PRO B 102 -4.69 -37.33 -35.56
N GLU B 103 -3.91 -36.33 -35.93
CA GLU B 103 -4.21 -35.54 -37.11
C GLU B 103 -4.38 -36.35 -38.37
N ASP B 104 -3.71 -37.49 -38.45
CA ASP B 104 -3.81 -38.33 -39.63
C ASP B 104 -4.91 -39.40 -39.50
N GLY B 105 -5.76 -39.26 -38.48
CA GLY B 105 -6.86 -40.19 -38.29
C GLY B 105 -7.94 -40.01 -39.36
N LYS B 106 -8.72 -41.06 -39.56
CA LYS B 106 -9.79 -41.04 -40.55
C LYS B 106 -11.02 -41.63 -39.91
N ILE B 107 -12.17 -41.00 -40.12
CA ILE B 107 -13.44 -41.46 -39.56
C ILE B 107 -14.52 -41.55 -40.61
N LEU B 108 -15.09 -42.73 -40.79
CA LEU B 108 -16.17 -42.93 -41.75
C LEU B 108 -17.49 -42.63 -41.02
N ALA B 109 -18.16 -41.56 -41.41
CA ALA B 109 -19.43 -41.15 -40.78
C ALA B 109 -20.67 -41.45 -41.60
N MET B 110 -21.50 -42.34 -41.10
CA MET B 110 -22.72 -42.67 -41.81
C MET B 110 -23.95 -42.23 -41.03
N ASP B 111 -24.87 -41.59 -41.74
CA ASP B 111 -26.12 -41.14 -41.15
C ASP B 111 -27.18 -41.03 -42.23
N ILE B 112 -28.44 -41.11 -41.81
CA ILE B 112 -29.55 -41.06 -42.73
C ILE B 112 -29.93 -39.64 -43.14
N ASN B 113 -29.63 -38.67 -42.29
CA ASN B 113 -29.98 -37.28 -42.55
C ASN B 113 -28.77 -36.32 -42.51
N LYS B 114 -28.36 -35.81 -43.68
CA LYS B 114 -27.22 -34.90 -43.76
C LYS B 114 -27.53 -33.49 -43.28
N GLU B 115 -28.80 -33.16 -43.17
CA GLU B 115 -29.24 -31.84 -42.73
C GLU B 115 -28.73 -31.55 -41.33
N ASN B 116 -28.95 -32.51 -40.44
CA ASN B 116 -28.53 -32.41 -39.06
C ASN B 116 -27.03 -32.25 -38.95
N TYR B 117 -26.32 -33.01 -39.76
CA TYR B 117 -24.86 -32.96 -39.77
C TYR B 117 -24.42 -31.56 -40.20
N GLU B 118 -25.02 -31.06 -41.27
CA GLU B 118 -24.67 -29.75 -41.77
C GLU B 118 -25.01 -28.61 -40.81
N LEU B 119 -25.76 -28.95 -39.78
CA LEU B 119 -26.14 -27.99 -38.77
C LEU B 119 -24.93 -27.75 -37.85
N GLY B 120 -24.13 -28.82 -37.68
CA GLY B 120 -22.96 -28.76 -36.83
C GLY B 120 -21.66 -28.71 -37.62
N LEU B 121 -21.71 -29.09 -38.89
CA LEU B 121 -20.51 -29.08 -39.73
C LEU B 121 -19.73 -27.78 -39.61
N PRO B 122 -20.43 -26.64 -39.42
CA PRO B 122 -19.65 -25.41 -39.30
C PRO B 122 -18.80 -25.35 -38.03
N VAL B 123 -19.30 -25.95 -36.95
CA VAL B 123 -18.55 -25.98 -35.70
C VAL B 123 -17.30 -26.83 -35.85
N ILE B 124 -17.43 -27.93 -36.58
CA ILE B 124 -16.34 -28.84 -36.81
C ILE B 124 -15.29 -28.21 -37.72
N LYS B 125 -15.73 -27.46 -38.73
CA LYS B 125 -14.79 -26.81 -39.64
C LYS B 125 -13.91 -25.81 -38.88
N LYS B 126 -14.54 -25.04 -38.02
CA LYS B 126 -13.81 -24.06 -37.25
C LYS B 126 -12.78 -24.75 -36.37
N ALA B 127 -13.15 -25.90 -35.80
CA ALA B 127 -12.24 -26.64 -34.94
C ALA B 127 -11.02 -27.20 -35.70
N GLY B 128 -11.08 -27.15 -37.02
CA GLY B 128 -9.99 -27.62 -37.85
C GLY B 128 -9.82 -29.11 -38.07
N VAL B 129 -10.83 -29.91 -37.74
CA VAL B 129 -10.68 -31.36 -37.89
C VAL B 129 -11.64 -32.05 -38.87
N ASP B 130 -12.42 -31.28 -39.60
CA ASP B 130 -13.37 -31.85 -40.54
C ASP B 130 -12.76 -32.59 -41.72
N HIS B 131 -11.46 -32.41 -41.95
CA HIS B 131 -10.81 -33.07 -43.06
C HIS B 131 -10.62 -34.58 -42.78
N LYS B 132 -10.88 -34.95 -41.53
CA LYS B 132 -10.75 -36.33 -41.09
C LYS B 132 -12.00 -37.12 -41.40
N ILE B 133 -13.09 -36.41 -41.66
CA ILE B 133 -14.39 -37.04 -41.87
C ILE B 133 -14.84 -37.43 -43.27
N ASP B 134 -15.07 -38.73 -43.49
CA ASP B 134 -15.62 -39.19 -44.76
C ASP B 134 -17.11 -39.42 -44.46
N PHE B 135 -17.92 -38.39 -44.67
CA PHE B 135 -19.36 -38.47 -44.41
C PHE B 135 -20.18 -39.06 -45.57
N ARG B 136 -21.16 -39.89 -45.23
CA ARG B 136 -22.01 -40.49 -46.24
C ARG B 136 -23.45 -40.49 -45.81
N GLU B 137 -24.33 -39.93 -46.64
CA GLU B 137 -25.74 -39.95 -46.29
C GLU B 137 -26.37 -41.24 -46.78
N GLY B 138 -27.37 -41.71 -46.04
CA GLY B 138 -28.05 -42.93 -46.42
C GLY B 138 -27.80 -44.09 -45.47
N PRO B 139 -28.60 -45.16 -45.59
CA PRO B 139 -28.55 -46.39 -44.78
C PRO B 139 -27.14 -46.94 -44.68
N ALA B 140 -26.77 -47.42 -43.49
CA ALA B 140 -25.43 -47.97 -43.28
C ALA B 140 -25.33 -49.45 -43.62
N LEU B 141 -26.38 -50.20 -43.30
CA LEU B 141 -26.43 -51.63 -43.54
C LEU B 141 -25.91 -52.03 -44.93
N PRO B 142 -26.33 -51.33 -46.00
CA PRO B 142 -25.83 -51.68 -47.34
C PRO B 142 -24.35 -51.35 -47.47
N VAL B 143 -23.94 -50.24 -46.86
CA VAL B 143 -22.54 -49.84 -46.91
C VAL B 143 -21.70 -50.87 -46.18
N LEU B 144 -22.29 -51.51 -45.17
CA LEU B 144 -21.58 -52.54 -44.43
C LEU B 144 -21.49 -53.85 -45.20
N ASP B 145 -22.60 -54.25 -45.82
CA ASP B 145 -22.60 -55.50 -46.59
C ASP B 145 -21.57 -55.45 -47.71
N GLU B 146 -21.42 -54.29 -48.33
CA GLU B 146 -20.45 -54.14 -49.40
C GLU B 146 -19.06 -54.28 -48.82
N MET B 147 -18.75 -53.47 -47.83
CA MET B 147 -17.43 -53.50 -47.21
C MET B 147 -16.99 -54.91 -46.83
N ILE B 148 -17.93 -55.71 -46.34
CA ILE B 148 -17.62 -57.07 -45.92
C ILE B 148 -17.25 -58.04 -47.06
N LYS B 149 -17.48 -57.63 -48.31
CA LYS B 149 -17.14 -58.48 -49.44
C LYS B 149 -15.65 -58.49 -49.76
N ASP B 150 -14.88 -57.59 -49.14
CA ASP B 150 -13.45 -57.56 -49.38
C ASP B 150 -12.67 -57.74 -48.08
N GLU B 151 -12.03 -58.89 -47.93
CA GLU B 151 -11.27 -59.22 -46.74
C GLU B 151 -10.21 -58.19 -46.36
N LYS B 152 -9.90 -57.26 -47.26
CA LYS B 152 -8.90 -56.25 -46.93
C LYS B 152 -9.54 -55.29 -45.91
N ASN B 153 -10.86 -55.29 -45.90
CA ASN B 153 -11.61 -54.46 -44.98
C ASN B 153 -11.81 -55.09 -43.61
N HIS B 154 -11.75 -56.42 -43.53
CA HIS B 154 -11.93 -57.10 -42.26
C HIS B 154 -10.82 -56.76 -41.27
N GLY B 155 -11.22 -56.52 -40.01
CA GLY B 155 -10.26 -56.19 -38.96
C GLY B 155 -9.52 -54.88 -39.18
N SER B 156 -10.13 -53.98 -39.94
CA SER B 156 -9.48 -52.71 -40.26
C SER B 156 -9.85 -51.47 -39.45
N TYR B 157 -10.81 -51.56 -38.52
CA TYR B 157 -11.17 -50.40 -37.72
C TYR B 157 -10.71 -50.55 -36.28
N ASP B 158 -10.24 -49.45 -35.70
CA ASP B 158 -9.77 -49.43 -34.32
C ASP B 158 -10.94 -49.26 -33.35
N PHE B 159 -11.93 -48.51 -33.78
CA PHE B 159 -13.08 -48.18 -32.95
C PHE B 159 -14.29 -47.90 -33.84
N ILE B 160 -15.46 -48.31 -33.40
CA ILE B 160 -16.69 -48.09 -34.12
C ILE B 160 -17.71 -47.71 -33.07
N PHE B 161 -18.53 -46.71 -33.38
CA PHE B 161 -19.54 -46.25 -32.44
C PHE B 161 -20.90 -46.24 -33.10
N VAL B 162 -21.88 -46.81 -32.40
CA VAL B 162 -23.23 -46.91 -32.92
C VAL B 162 -24.27 -46.24 -32.04
N ASP B 163 -25.00 -45.30 -32.62
CA ASP B 163 -26.05 -44.54 -31.94
C ASP B 163 -27.11 -44.22 -32.97
N ALA B 164 -27.71 -45.25 -33.53
CA ALA B 164 -28.74 -45.06 -34.53
C ALA B 164 -30.10 -45.54 -34.03
N ASP B 165 -30.93 -45.95 -34.98
CA ASP B 165 -32.27 -46.45 -34.75
C ASP B 165 -32.53 -47.20 -33.45
N LYS B 166 -31.86 -48.34 -33.27
CA LYS B 166 -32.01 -49.19 -32.09
C LYS B 166 -32.55 -50.52 -32.56
N ASP B 167 -33.56 -50.45 -33.42
CA ASP B 167 -34.16 -51.65 -33.97
C ASP B 167 -33.23 -52.29 -34.99
N ASN B 168 -32.06 -51.70 -35.22
CA ASN B 168 -31.11 -52.25 -36.19
C ASN B 168 -29.74 -52.60 -35.59
N TYR B 169 -29.56 -52.32 -34.30
CA TYR B 169 -28.29 -52.61 -33.63
C TYR B 169 -27.82 -54.06 -33.87
N LEU B 170 -28.70 -55.03 -33.63
CA LEU B 170 -28.35 -56.43 -33.83
C LEU B 170 -27.86 -56.67 -35.26
N ASN B 171 -28.56 -56.13 -36.26
CA ASN B 171 -28.15 -56.29 -37.65
C ASN B 171 -26.77 -55.72 -37.87
N TYR B 172 -26.54 -54.50 -37.39
CA TYR B 172 -25.22 -53.89 -37.55
C TYR B 172 -24.14 -54.77 -36.98
N HIS B 173 -24.38 -55.29 -35.79
CA HIS B 173 -23.43 -56.14 -35.09
C HIS B 173 -22.97 -57.36 -35.88
N LYS B 174 -23.89 -58.01 -36.58
CA LYS B 174 -23.57 -59.20 -37.40
C LYS B 174 -22.45 -58.87 -38.39
N ARG B 175 -22.40 -57.60 -38.81
CA ARG B 175 -21.38 -57.16 -39.74
C ARG B 175 -20.18 -56.55 -38.99
N LEU B 176 -20.45 -55.49 -38.21
CA LEU B 176 -19.43 -54.79 -37.44
C LEU B 176 -18.34 -55.65 -36.81
N ILE B 177 -18.74 -56.77 -36.22
CA ILE B 177 -17.80 -57.69 -35.57
C ILE B 177 -16.68 -58.18 -36.51
N ASP B 178 -16.93 -58.16 -37.81
CA ASP B 178 -15.91 -58.58 -38.77
C ASP B 178 -15.05 -57.40 -39.20
N LEU B 179 -15.61 -56.20 -39.17
CA LEU B 179 -14.85 -55.02 -39.57
C LEU B 179 -13.92 -54.51 -38.47
N VAL B 180 -14.23 -54.81 -37.21
CA VAL B 180 -13.39 -54.38 -36.08
C VAL B 180 -12.15 -55.25 -36.03
N LYS B 181 -11.03 -54.64 -35.64
CA LYS B 181 -9.82 -55.42 -35.52
C LYS B 181 -9.93 -56.23 -34.22
N VAL B 182 -9.25 -57.38 -34.15
CA VAL B 182 -9.25 -58.19 -32.94
C VAL B 182 -8.55 -57.30 -31.91
N GLY B 183 -9.22 -57.06 -30.79
CA GLY B 183 -8.65 -56.19 -29.78
C GLY B 183 -9.26 -54.81 -29.98
N GLY B 184 -10.01 -54.65 -31.07
CA GLY B 184 -10.66 -53.40 -31.37
C GLY B 184 -11.92 -53.28 -30.53
N VAL B 185 -12.49 -52.10 -30.48
CA VAL B 185 -13.70 -51.92 -29.68
C VAL B 185 -14.89 -51.31 -30.42
N ILE B 186 -16.06 -51.90 -30.20
CA ILE B 186 -17.30 -51.39 -30.78
C ILE B 186 -18.09 -50.81 -29.60
N GLY B 187 -18.80 -49.71 -29.82
CA GLY B 187 -19.60 -49.14 -28.75
C GLY B 187 -21.06 -48.92 -29.12
N TYR B 188 -22.00 -49.45 -28.33
CA TYR B 188 -23.43 -49.23 -28.59
C TYR B 188 -24.01 -48.25 -27.58
N ASP B 189 -24.64 -47.19 -28.07
CA ASP B 189 -25.21 -46.16 -27.20
C ASP B 189 -26.68 -46.41 -26.82
N ASN B 190 -27.08 -45.84 -25.68
CA ASN B 190 -28.45 -45.91 -25.16
C ASN B 190 -28.92 -47.29 -24.71
N THR B 191 -28.03 -48.12 -24.18
CA THR B 191 -28.42 -49.47 -23.78
C THR B 191 -29.10 -49.71 -22.41
N LEU B 192 -29.47 -48.66 -21.69
CA LEU B 192 -30.18 -48.81 -20.44
C LEU B 192 -31.57 -48.21 -20.65
N TRP B 193 -31.78 -47.72 -21.88
CA TRP B 193 -33.02 -47.10 -22.34
C TRP B 193 -33.81 -46.38 -21.25
N ASN B 194 -33.10 -45.61 -20.43
CA ASN B 194 -33.69 -44.89 -19.32
C ASN B 194 -34.32 -45.82 -18.28
N GLY B 195 -35.07 -46.83 -18.74
CA GLY B 195 -35.74 -47.77 -17.86
C GLY B 195 -36.20 -49.01 -18.59
N SER B 196 -35.61 -50.13 -18.20
CA SER B 196 -35.87 -51.46 -18.75
C SER B 196 -35.95 -52.50 -17.64
N VAL B 197 -36.16 -52.00 -16.42
CA VAL B 197 -36.34 -52.85 -15.25
C VAL B 197 -37.61 -52.32 -14.61
N VAL B 198 -38.45 -51.72 -15.47
CA VAL B 198 -39.70 -51.15 -15.03
C VAL B 198 -40.79 -52.17 -14.78
N ALA B 199 -41.46 -51.99 -13.64
CA ALA B 199 -42.53 -52.86 -13.21
C ALA B 199 -43.54 -53.09 -14.33
N PRO B 200 -43.90 -54.36 -14.58
CA PRO B 200 -44.86 -54.72 -15.64
C PRO B 200 -46.16 -53.95 -15.49
N PRO B 201 -46.74 -53.93 -14.26
CA PRO B 201 -47.99 -53.20 -14.04
C PRO B 201 -47.82 -51.71 -14.36
N ASP B 202 -46.60 -51.22 -14.24
CA ASP B 202 -46.35 -49.83 -14.53
C ASP B 202 -46.71 -49.49 -15.96
N ALA B 203 -47.98 -49.13 -16.16
CA ALA B 203 -48.43 -48.73 -17.47
C ALA B 203 -47.57 -47.54 -17.93
N PRO B 204 -47.21 -46.63 -16.98
CA PRO B 204 -46.40 -45.44 -17.21
C PRO B 204 -45.19 -45.46 -18.15
N LEU B 205 -45.31 -46.14 -19.27
CA LEU B 205 -44.24 -46.16 -20.25
C LEU B 205 -44.85 -45.59 -21.51
N ARG B 206 -44.29 -44.47 -21.98
CA ARG B 206 -44.82 -43.87 -23.19
C ARG B 206 -44.67 -44.92 -24.29
N LYS B 207 -45.67 -45.01 -25.16
CA LYS B 207 -45.67 -45.98 -26.24
C LYS B 207 -44.36 -46.00 -27.03
N TYR B 208 -43.69 -44.85 -27.09
CA TYR B 208 -42.44 -44.73 -27.82
C TYR B 208 -41.26 -45.44 -27.13
N VAL B 209 -41.11 -45.28 -25.83
CA VAL B 209 -40.00 -45.95 -25.19
C VAL B 209 -40.32 -47.43 -25.07
N ARG B 210 -41.58 -47.75 -24.82
CA ARG B 210 -41.96 -49.16 -24.69
C ARG B 210 -41.70 -49.89 -26.01
N TYR B 211 -41.85 -49.17 -27.10
CA TYR B 211 -41.65 -49.73 -28.43
C TYR B 211 -40.22 -50.17 -28.72
N TYR B 212 -39.26 -49.30 -28.39
CA TYR B 212 -37.86 -49.60 -28.65
C TYR B 212 -37.22 -50.44 -27.53
N ARG B 213 -37.82 -50.40 -26.35
CA ARG B 213 -37.34 -51.13 -25.20
C ARG B 213 -37.13 -52.63 -25.48
N ASP B 214 -38.00 -53.19 -26.28
CA ASP B 214 -37.88 -54.60 -26.63
C ASP B 214 -36.56 -54.85 -27.34
N PHE B 215 -36.32 -54.08 -28.39
CA PHE B 215 -35.10 -54.22 -29.16
C PHE B 215 -33.87 -54.09 -28.28
N VAL B 216 -33.90 -53.14 -27.35
CA VAL B 216 -32.78 -52.92 -26.46
C VAL B 216 -32.56 -54.13 -25.57
N LEU B 217 -33.64 -54.70 -25.04
CA LEU B 217 -33.52 -55.88 -24.21
C LEU B 217 -32.93 -57.03 -25.01
N GLU B 218 -33.37 -57.14 -26.27
CA GLU B 218 -32.88 -58.20 -27.16
C GLU B 218 -31.39 -58.03 -27.47
N LEU B 219 -31.00 -56.80 -27.76
CA LEU B 219 -29.61 -56.49 -28.06
C LEU B 219 -28.71 -56.82 -26.87
N ASN B 220 -29.16 -56.49 -25.67
CA ASN B 220 -28.34 -56.75 -24.50
C ASN B 220 -28.07 -58.24 -24.22
N LYS B 221 -29.09 -59.09 -24.34
CA LYS B 221 -28.89 -60.53 -24.11
C LYS B 221 -27.92 -61.06 -25.14
N ALA B 222 -28.17 -60.70 -26.39
CA ALA B 222 -27.33 -61.12 -27.50
C ALA B 222 -25.87 -60.77 -27.22
N LEU B 223 -25.64 -59.52 -26.85
CA LEU B 223 -24.31 -59.06 -26.55
C LEU B 223 -23.71 -59.75 -25.30
N ALA B 224 -24.56 -60.08 -24.35
CA ALA B 224 -24.13 -60.72 -23.12
C ALA B 224 -23.66 -62.14 -23.35
N VAL B 225 -24.13 -62.73 -24.44
CA VAL B 225 -23.79 -64.10 -24.75
C VAL B 225 -22.79 -64.28 -25.90
N ASP B 226 -22.39 -63.19 -26.54
CA ASP B 226 -21.46 -63.26 -27.67
C ASP B 226 -20.06 -63.80 -27.37
N PRO B 227 -19.72 -64.98 -27.90
CA PRO B 227 -18.42 -65.62 -27.70
C PRO B 227 -17.26 -64.80 -28.23
N ARG B 228 -17.54 -63.88 -29.15
CA ARG B 228 -16.50 -63.08 -29.77
C ARG B 228 -16.10 -61.76 -29.09
N ILE B 229 -16.85 -61.35 -28.07
CA ILE B 229 -16.55 -60.09 -27.37
C ILE B 229 -16.45 -60.24 -25.85
N GLU B 230 -16.15 -59.15 -25.15
CA GLU B 230 -16.03 -59.18 -23.70
C GLU B 230 -17.12 -58.38 -23.01
N ILE B 231 -17.29 -57.14 -23.44
CA ILE B 231 -18.30 -56.22 -22.90
C ILE B 231 -18.19 -55.72 -21.46
N CYS B 232 -18.75 -54.53 -21.27
CA CYS B 232 -18.79 -53.85 -20.00
C CYS B 232 -19.86 -52.78 -20.18
N MET B 233 -20.89 -52.84 -19.35
CA MET B 233 -22.01 -51.88 -19.44
C MET B 233 -21.83 -50.74 -18.48
N LEU B 234 -21.61 -49.55 -19.03
CA LEU B 234 -21.40 -48.37 -18.22
C LEU B 234 -22.59 -47.45 -18.15
N PRO B 235 -22.90 -46.98 -16.94
CA PRO B 235 -24.02 -46.07 -16.73
C PRO B 235 -23.60 -44.61 -17.04
N VAL B 236 -23.15 -44.40 -18.26
CA VAL B 236 -22.75 -43.09 -18.76
C VAL B 236 -23.77 -42.64 -19.82
N GLY B 237 -24.36 -41.47 -19.62
CA GLY B 237 -25.35 -40.99 -20.56
C GLY B 237 -26.58 -41.86 -20.47
N ASP B 238 -27.05 -42.42 -21.57
CA ASP B 238 -28.20 -43.30 -21.45
C ASP B 238 -27.73 -44.77 -21.46
N GLY B 239 -26.49 -44.99 -21.06
CA GLY B 239 -25.97 -46.34 -21.06
C GLY B 239 -25.20 -46.67 -22.31
N ILE B 240 -23.94 -47.05 -22.15
CA ILE B 240 -23.08 -47.40 -23.26
C ILE B 240 -22.44 -48.75 -23.02
N THR B 241 -22.60 -49.67 -23.96
CA THR B 241 -21.97 -50.98 -23.85
C THR B 241 -20.72 -51.02 -24.71
N ILE B 242 -19.58 -51.09 -24.04
CA ILE B 242 -18.30 -51.16 -24.71
C ILE B 242 -17.94 -52.62 -24.96
N CYS B 243 -17.73 -52.98 -26.23
CA CYS B 243 -17.36 -54.36 -26.58
C CYS B 243 -15.91 -54.42 -27.04
N ARG B 244 -15.16 -55.44 -26.61
CA ARG B 244 -13.78 -55.64 -27.05
C ARG B 244 -13.76 -56.96 -27.80
N ARG B 245 -13.35 -56.94 -29.07
CA ARG B 245 -13.31 -58.16 -29.86
C ARG B 245 -12.15 -59.05 -29.45
N ILE B 246 -12.46 -60.32 -29.14
CA ILE B 246 -11.44 -61.27 -28.72
C ILE B 246 -11.08 -62.31 -29.77
N LYS B 247 -11.99 -62.57 -30.70
CA LYS B 247 -11.67 -63.50 -31.77
C LYS B 247 -12.56 -63.43 -33.00
N LYS C 21 7.56 18.28 -1.60
CA LYS C 21 8.49 17.30 -2.24
C LYS C 21 8.05 15.86 -1.99
N SER C 22 8.16 15.05 -3.04
CA SER C 22 7.80 13.64 -2.97
C SER C 22 9.07 12.80 -3.08
N LEU C 23 8.87 11.50 -3.33
CA LEU C 23 9.99 10.58 -3.48
C LEU C 23 10.21 10.29 -4.95
N LEU C 24 9.49 11.02 -5.81
CA LEU C 24 9.59 10.80 -7.23
C LEU C 24 10.71 11.61 -7.85
N GLN C 25 10.95 11.41 -9.14
CA GLN C 25 12.00 12.11 -9.89
C GLN C 25 11.98 13.62 -9.75
N SER C 26 10.78 14.19 -9.76
CA SER C 26 10.62 15.63 -9.68
C SER C 26 9.28 16.00 -9.09
N ASP C 27 9.21 17.21 -8.55
CA ASP C 27 7.99 17.70 -7.94
C ASP C 27 6.93 17.81 -9.00
N ALA C 28 7.36 18.27 -10.18
CA ALA C 28 6.45 18.43 -11.31
C ALA C 28 5.75 17.12 -11.59
N LEU C 29 6.52 16.04 -11.69
CA LEU C 29 5.95 14.73 -11.96
C LEU C 29 4.92 14.37 -10.91
N TYR C 30 5.26 14.62 -9.66
CA TYR C 30 4.35 14.32 -8.57
C TYR C 30 3.08 15.18 -8.70
N GLN C 31 3.28 16.45 -9.07
CA GLN C 31 2.16 17.35 -9.27
C GLN C 31 1.27 16.83 -10.39
N TYR C 32 1.91 16.43 -11.50
CA TYR C 32 1.18 15.89 -12.64
C TYR C 32 0.23 14.79 -12.16
N ILE C 33 0.75 13.87 -11.36
CA ILE C 33 -0.06 12.78 -10.86
C ILE C 33 -1.30 13.30 -10.13
N LEU C 34 -1.11 14.27 -9.24
CA LEU C 34 -2.22 14.85 -8.48
C LEU C 34 -3.16 15.68 -9.37
N GLU C 35 -2.56 16.53 -10.20
CA GLU C 35 -3.30 17.39 -11.12
C GLU C 35 -4.24 16.57 -12.03
N THR C 36 -3.72 15.48 -12.58
CA THR C 36 -4.50 14.67 -13.50
C THR C 36 -5.32 13.56 -12.85
N SER C 37 -4.76 12.88 -11.85
CA SER C 37 -5.48 11.78 -11.25
C SER C 37 -6.19 12.00 -9.91
N VAL C 38 -5.69 12.89 -9.08
CA VAL C 38 -6.30 13.09 -7.77
C VAL C 38 -7.34 14.22 -7.65
N PHE C 39 -6.89 15.46 -7.51
CA PHE C 39 -7.80 16.59 -7.36
C PHE C 39 -9.12 16.43 -8.12
N PRO C 40 -9.06 16.00 -9.38
CA PRO C 40 -10.29 15.83 -10.16
C PRO C 40 -11.27 14.80 -9.59
N ARG C 41 -10.79 13.59 -9.39
CA ARG C 41 -11.66 12.51 -8.90
C ARG C 41 -11.71 12.51 -7.39
N GLU C 42 -10.83 13.31 -6.78
CA GLU C 42 -10.73 13.42 -5.34
C GLU C 42 -12.08 13.55 -4.66
N HIS C 43 -12.17 12.91 -3.50
CA HIS C 43 -13.39 12.89 -2.72
C HIS C 43 -13.73 14.25 -2.14
N GLU C 44 -14.98 14.36 -1.72
CA GLU C 44 -15.50 15.56 -1.12
C GLU C 44 -14.88 15.76 0.25
N ALA C 45 -14.33 16.94 0.51
CA ALA C 45 -13.76 17.20 1.82
C ALA C 45 -12.37 16.60 2.04
N MET C 46 -11.89 15.80 1.10
CA MET C 46 -10.56 15.26 1.25
C MET C 46 -9.68 16.49 1.25
N LYS C 47 -10.14 17.52 0.53
CA LYS C 47 -9.41 18.78 0.46
C LYS C 47 -9.81 19.61 1.68
N GLU C 48 -11.01 19.39 2.20
CA GLU C 48 -11.48 20.11 3.38
C GLU C 48 -10.53 19.69 4.50
N LEU C 49 -10.64 18.43 4.89
CA LEU C 49 -9.81 17.88 5.95
C LEU C 49 -8.35 18.21 5.68
N ARG C 50 -7.95 18.13 4.42
CA ARG C 50 -6.58 18.41 4.03
C ARG C 50 -6.21 19.87 4.27
N GLU C 51 -7.17 20.78 4.12
CA GLU C 51 -6.91 22.20 4.36
C GLU C 51 -6.93 22.44 5.86
N VAL C 52 -7.77 21.68 6.55
CA VAL C 52 -7.89 21.77 8.01
C VAL C 52 -6.57 21.35 8.65
N THR C 53 -6.13 20.15 8.29
CA THR C 53 -4.89 19.58 8.79
C THR C 53 -3.72 20.51 8.54
N ALA C 54 -3.87 21.45 7.61
CA ALA C 54 -2.80 22.39 7.32
C ALA C 54 -2.85 23.54 8.31
N LYS C 55 -3.96 23.63 9.04
CA LYS C 55 -4.12 24.70 10.03
C LYS C 55 -3.64 24.26 11.41
N HIS C 56 -3.40 22.96 11.57
CA HIS C 56 -2.92 22.38 12.83
C HIS C 56 -1.68 23.15 13.31
N PRO C 57 -1.66 23.52 14.60
CA PRO C 57 -0.58 24.26 15.25
C PRO C 57 0.83 23.70 15.05
N TRP C 58 0.97 22.38 15.07
CA TRP C 58 2.30 21.81 14.91
C TRP C 58 2.66 21.47 13.47
N ASN C 59 1.66 21.06 12.68
CA ASN C 59 1.87 20.70 11.27
C ASN C 59 3.27 20.11 11.04
N ILE C 60 3.64 19.17 11.90
CA ILE C 60 4.95 18.54 11.83
C ILE C 60 5.07 17.48 10.72
N MET C 61 4.42 16.34 10.89
CA MET C 61 4.49 15.26 9.91
C MET C 61 3.72 15.53 8.61
N THR C 62 4.03 14.73 7.59
CA THR C 62 3.43 14.87 6.25
C THR C 62 2.06 14.23 6.01
N THR C 63 1.33 14.85 5.10
CA THR C 63 -0.02 14.43 4.70
C THR C 63 -0.09 14.41 3.15
N SER C 64 0.09 13.23 2.56
CA SER C 64 0.08 13.05 1.11
C SER C 64 -1.29 12.97 0.43
N ALA C 65 -1.43 13.72 -0.66
CA ALA C 65 -2.67 13.78 -1.43
C ALA C 65 -2.91 12.55 -2.29
N ASP C 66 -1.89 11.73 -2.49
CA ASP C 66 -2.04 10.53 -3.31
C ASP C 66 -2.39 9.25 -2.55
N GLU C 67 -2.60 9.35 -1.24
CA GLU C 67 -2.94 8.17 -0.45
C GLU C 67 -4.42 7.84 -0.52
N GLY C 68 -5.26 8.85 -0.37
CA GLY C 68 -6.69 8.65 -0.40
C GLY C 68 -7.18 7.89 -1.61
N GLN C 69 -6.69 8.31 -2.78
CA GLN C 69 -7.06 7.68 -4.03
C GLN C 69 -6.60 6.21 -4.01
N PHE C 70 -5.48 5.97 -3.36
CA PHE C 70 -4.92 4.63 -3.24
C PHE C 70 -5.66 3.72 -2.26
N LEU C 71 -5.88 4.16 -1.02
CA LEU C 71 -6.59 3.29 -0.07
C LEU C 71 -8.01 3.03 -0.61
N SER C 72 -8.62 4.07 -1.19
CA SER C 72 -9.94 3.94 -1.77
C SER C 72 -9.93 2.76 -2.76
N MET C 73 -8.98 2.78 -3.69
CA MET C 73 -8.85 1.71 -4.66
C MET C 73 -8.57 0.37 -3.96
N LEU C 74 -7.58 0.36 -3.07
CA LEU C 74 -7.25 -0.87 -2.36
C LEU C 74 -8.45 -1.44 -1.64
N LEU C 75 -9.06 -0.60 -0.81
CA LEU C 75 -10.22 -1.03 -0.02
C LEU C 75 -11.37 -1.61 -0.83
N LYS C 76 -11.78 -0.94 -1.90
CA LYS C 76 -12.88 -1.45 -2.72
C LYS C 76 -12.45 -2.72 -3.46
N LEU C 77 -11.17 -2.81 -3.81
CA LEU C 77 -10.67 -3.99 -4.51
C LEU C 77 -10.70 -5.27 -3.69
N ILE C 78 -10.50 -5.14 -2.38
CA ILE C 78 -10.52 -6.32 -1.52
C ILE C 78 -11.86 -6.43 -0.82
N ASN C 79 -12.76 -5.51 -1.12
CA ASN C 79 -14.10 -5.48 -0.53
C ASN C 79 -14.04 -5.51 0.98
N ALA C 80 -13.27 -4.59 1.54
CA ALA C 80 -13.08 -4.49 2.97
C ALA C 80 -14.37 -4.05 3.66
N LYS C 81 -14.67 -4.69 4.79
CA LYS C 81 -15.86 -4.35 5.57
C LYS C 81 -15.48 -4.10 7.02
N ASN C 82 -14.72 -5.03 7.59
CA ASN C 82 -14.30 -4.90 8.96
C ASN C 82 -12.83 -4.54 9.01
N THR C 83 -12.52 -3.26 9.23
CA THR C 83 -11.14 -2.84 9.27
C THR C 83 -10.76 -2.21 10.60
N MET C 84 -9.52 -1.73 10.68
CA MET C 84 -8.99 -1.11 11.88
C MET C 84 -7.84 -0.18 11.52
N GLU C 85 -7.81 0.98 12.17
CA GLU C 85 -6.75 1.97 11.94
C GLU C 85 -6.05 2.27 13.24
N ILE C 86 -4.72 2.28 13.24
CA ILE C 86 -3.93 2.57 14.42
C ILE C 86 -3.01 3.76 14.11
N GLY C 87 -3.39 4.93 14.58
CA GLY C 87 -2.60 6.12 14.32
C GLY C 87 -3.39 7.08 13.46
N VAL C 88 -4.31 7.81 14.10
CA VAL C 88 -5.19 8.74 13.39
C VAL C 88 -4.60 10.13 13.15
N TYR C 89 -4.84 11.07 14.06
CA TYR C 89 -4.33 12.43 13.87
C TYR C 89 -5.07 13.08 12.71
N THR C 90 -6.09 13.87 13.04
CA THR C 90 -6.90 14.55 12.04
C THR C 90 -7.84 13.57 11.38
N GLY C 91 -7.33 12.37 11.09
CA GLY C 91 -8.15 11.33 10.48
C GLY C 91 -8.22 11.29 8.97
N TYR C 92 -7.25 11.90 8.30
CA TYR C 92 -7.23 11.92 6.83
C TYR C 92 -7.40 10.51 6.24
N SER C 93 -6.47 9.61 6.53
CA SER C 93 -6.57 8.27 5.99
C SER C 93 -7.82 7.60 6.56
N LEU C 94 -8.22 8.01 7.75
CA LEU C 94 -9.40 7.43 8.38
C LEU C 94 -10.64 7.82 7.59
N LEU C 95 -10.73 9.09 7.20
CA LEU C 95 -11.86 9.60 6.42
C LEU C 95 -11.97 8.79 5.12
N ALA C 96 -10.85 8.75 4.40
CA ALA C 96 -10.73 8.01 3.15
C ALA C 96 -11.27 6.60 3.29
N THR C 97 -10.88 5.92 4.37
CA THR C 97 -11.35 4.56 4.59
C THR C 97 -12.86 4.53 4.80
N ALA C 98 -13.34 5.44 5.64
CA ALA C 98 -14.77 5.54 5.93
C ALA C 98 -15.56 5.75 4.65
N LEU C 99 -15.13 6.71 3.84
CA LEU C 99 -15.78 6.99 2.56
C LEU C 99 -15.70 5.82 1.58
N ALA C 100 -14.54 5.15 1.54
CA ALA C 100 -14.34 4.04 0.61
C ALA C 100 -15.07 2.73 0.94
N ILE C 101 -15.12 2.37 2.22
CA ILE C 101 -15.80 1.13 2.61
C ILE C 101 -17.32 1.29 2.50
N PRO C 102 -18.07 0.18 2.52
CA PRO C 102 -19.52 0.27 2.43
C PRO C 102 -20.18 0.93 3.65
N GLU C 103 -21.29 1.63 3.43
CA GLU C 103 -22.01 2.29 4.51
C GLU C 103 -22.32 1.27 5.60
N ASP C 104 -22.26 0.01 5.20
CA ASP C 104 -22.50 -1.14 6.06
C ASP C 104 -21.38 -1.27 7.10
N GLY C 105 -20.29 -1.90 6.69
CA GLY C 105 -19.14 -2.12 7.56
C GLY C 105 -18.73 -1.01 8.49
N LYS C 106 -17.91 -1.38 9.47
CA LYS C 106 -17.42 -0.44 10.47
C LYS C 106 -15.90 -0.46 10.54
N ILE C 107 -15.34 0.63 11.07
CA ILE C 107 -13.90 0.77 11.20
C ILE C 107 -13.52 0.87 12.67
N LEU C 108 -12.67 -0.04 13.13
CA LEU C 108 -12.21 0.00 14.51
C LEU C 108 -11.08 1.02 14.52
N ALA C 109 -11.43 2.31 14.54
CA ALA C 109 -10.42 3.38 14.54
C ALA C 109 -9.62 3.28 15.82
N MET C 110 -9.05 2.09 16.02
CA MET C 110 -8.24 1.74 17.18
C MET C 110 -7.97 2.92 18.10
N ASP C 111 -7.10 3.82 17.67
CA ASP C 111 -6.79 4.95 18.50
C ASP C 111 -5.60 5.77 18.05
N ILE C 112 -5.18 6.61 18.98
CA ILE C 112 -4.05 7.49 18.89
C ILE C 112 -4.01 7.98 20.32
N ASN C 113 -3.24 9.02 20.61
CA ASN C 113 -3.16 9.52 21.97
C ASN C 113 -3.73 10.92 22.12
N LYS C 114 -3.40 11.81 21.19
CA LYS C 114 -3.89 13.18 21.23
C LYS C 114 -5.26 13.23 20.56
N GLU C 115 -5.90 14.41 20.59
CA GLU C 115 -7.20 14.58 19.98
C GLU C 115 -7.17 15.52 18.79
N ASN C 116 -6.36 15.14 17.81
CA ASN C 116 -6.22 15.88 16.57
C ASN C 116 -7.41 15.34 15.79
N TYR C 117 -7.85 14.17 16.20
CA TYR C 117 -9.00 13.49 15.62
C TYR C 117 -10.19 14.41 15.79
N GLU C 118 -10.33 14.92 17.00
CA GLU C 118 -11.41 15.83 17.36
C GLU C 118 -11.38 17.00 16.38
N LEU C 119 -10.17 17.43 16.00
CA LEU C 119 -10.00 18.56 15.10
C LEU C 119 -10.56 18.32 13.70
N GLY C 120 -10.61 17.06 13.28
CA GLY C 120 -11.12 16.73 11.96
C GLY C 120 -12.48 16.06 11.97
N LEU C 121 -12.86 15.52 13.13
CA LEU C 121 -14.14 14.85 13.25
C LEU C 121 -15.27 15.71 12.71
N PRO C 122 -15.13 17.04 12.78
CA PRO C 122 -16.23 17.85 12.24
C PRO C 122 -16.45 17.53 10.76
N VAL C 123 -15.37 17.50 9.99
CA VAL C 123 -15.41 17.21 8.56
C VAL C 123 -15.93 15.79 8.27
N ILE C 124 -15.39 14.81 8.98
CA ILE C 124 -15.81 13.42 8.83
C ILE C 124 -17.28 13.32 9.20
N LYS C 125 -17.69 14.22 10.10
CA LYS C 125 -19.07 14.26 10.57
C LYS C 125 -19.89 14.94 9.47
N LYS C 126 -19.36 16.04 8.95
CA LYS C 126 -20.04 16.78 7.90
C LYS C 126 -20.21 15.92 6.66
N ALA C 127 -19.25 15.04 6.37
CA ALA C 127 -19.33 14.18 5.21
C ALA C 127 -20.19 12.97 5.56
N GLY C 128 -20.81 13.04 6.73
CA GLY C 128 -21.69 11.97 7.21
C GLY C 128 -21.26 10.54 6.98
N VAL C 129 -20.22 10.12 7.68
CA VAL C 129 -19.71 8.76 7.54
C VAL C 129 -19.06 8.34 8.85
N ASP C 130 -19.21 9.20 9.86
CA ASP C 130 -18.67 8.99 11.20
C ASP C 130 -19.32 7.80 11.93
N HIS C 131 -20.54 7.45 11.53
CA HIS C 131 -21.25 6.35 12.16
C HIS C 131 -20.60 4.99 11.97
N LYS C 132 -19.42 4.98 11.36
CA LYS C 132 -18.70 3.74 11.10
C LYS C 132 -17.50 3.58 12.02
N ILE C 133 -17.01 4.72 12.52
CA ILE C 133 -15.86 4.73 13.41
C ILE C 133 -16.17 4.25 14.83
N ASP C 134 -15.16 3.70 15.48
CA ASP C 134 -15.25 3.19 16.85
C ASP C 134 -13.94 3.72 17.44
N PHE C 135 -13.84 5.02 17.57
CA PHE C 135 -12.62 5.60 18.10
C PHE C 135 -12.41 5.25 19.56
N ARG C 136 -11.14 5.22 19.95
CA ARG C 136 -10.73 4.92 21.32
C ARG C 136 -9.44 5.69 21.53
N GLU C 137 -9.21 6.19 22.74
CA GLU C 137 -7.99 6.96 23.00
C GLU C 137 -6.94 6.22 23.83
N GLY C 138 -5.67 6.58 23.63
CA GLY C 138 -4.59 5.95 24.38
C GLY C 138 -4.05 4.67 23.76
N PRO C 139 -2.78 4.33 24.01
CA PRO C 139 -2.08 3.14 23.50
C PRO C 139 -2.98 1.96 23.11
N ALA C 140 -2.66 1.35 21.98
CA ALA C 140 -3.43 0.24 21.44
C ALA C 140 -2.86 -1.12 21.82
N LEU C 141 -1.55 -1.17 22.02
CA LEU C 141 -0.87 -2.42 22.38
C LEU C 141 -1.69 -3.17 23.43
N PRO C 142 -2.12 -2.48 24.49
CA PRO C 142 -2.90 -3.16 25.54
C PRO C 142 -4.17 -3.77 24.95
N VAL C 143 -4.82 -3.02 24.05
CA VAL C 143 -6.06 -3.46 23.42
C VAL C 143 -5.86 -4.70 22.53
N LEU C 144 -4.77 -4.71 21.78
CA LEU C 144 -4.51 -5.85 20.91
C LEU C 144 -4.35 -7.09 21.77
N ASP C 145 -3.51 -6.97 22.79
CA ASP C 145 -3.25 -8.08 23.72
C ASP C 145 -4.56 -8.66 24.25
N GLU C 146 -5.49 -7.78 24.61
CA GLU C 146 -6.78 -8.20 25.11
C GLU C 146 -7.47 -9.03 24.04
N MET C 147 -7.71 -8.41 22.89
CA MET C 147 -8.36 -9.06 21.76
C MET C 147 -7.80 -10.44 21.43
N ILE C 148 -6.48 -10.57 21.52
CA ILE C 148 -5.80 -11.83 21.23
C ILE C 148 -6.23 -12.96 22.15
N LYS C 149 -6.40 -12.63 23.44
CA LYS C 149 -6.79 -13.63 24.42
C LYS C 149 -8.05 -14.40 24.04
N ASP C 150 -8.98 -13.75 23.34
CA ASP C 150 -10.19 -14.42 22.90
C ASP C 150 -9.95 -15.04 21.52
N GLU C 151 -9.87 -16.37 21.49
CA GLU C 151 -9.65 -17.07 20.22
C GLU C 151 -10.91 -17.00 19.38
N LYS C 152 -11.08 -15.84 18.74
CA LYS C 152 -12.23 -15.59 17.86
C LYS C 152 -12.06 -14.20 17.29
N ASN C 153 -11.01 -13.52 17.75
CA ASN C 153 -10.69 -12.21 17.25
C ASN C 153 -9.56 -12.46 16.28
N HIS C 154 -9.19 -13.73 16.16
CA HIS C 154 -8.14 -14.15 15.26
C HIS C 154 -8.68 -14.26 13.85
N GLY C 155 -8.13 -13.44 12.95
CA GLY C 155 -8.57 -13.44 11.58
C GLY C 155 -9.97 -12.91 11.47
N SER C 156 -10.20 -11.73 12.04
CA SER C 156 -11.53 -11.12 12.01
C SER C 156 -11.48 -9.76 11.35
N TYR C 157 -10.28 -9.31 10.99
CA TYR C 157 -10.13 -8.02 10.32
C TYR C 157 -9.71 -8.19 8.88
N ASP C 158 -10.40 -7.46 8.00
CA ASP C 158 -10.17 -7.50 6.57
C ASP C 158 -8.98 -6.66 6.14
N PHE C 159 -8.69 -5.60 6.90
CA PHE C 159 -7.61 -4.68 6.55
C PHE C 159 -7.20 -3.87 7.76
N ILE C 160 -5.90 -3.62 7.88
CA ILE C 160 -5.39 -2.84 8.99
C ILE C 160 -4.32 -1.89 8.49
N PHE C 161 -4.50 -0.60 8.75
CA PHE C 161 -3.53 0.39 8.32
C PHE C 161 -2.84 0.96 9.57
N VAL C 162 -1.51 0.93 9.58
CA VAL C 162 -0.74 1.43 10.71
C VAL C 162 0.12 2.63 10.35
N ASP C 163 -0.20 3.78 10.92
CA ASP C 163 0.57 4.99 10.67
C ASP C 163 0.82 5.62 12.04
N ALA C 164 1.23 4.78 12.98
CA ALA C 164 1.48 5.23 14.34
C ALA C 164 2.88 5.77 14.58
N ASP C 165 3.47 5.34 15.69
CA ASP C 165 4.79 5.77 16.11
C ASP C 165 5.91 5.34 15.17
N LYS C 166 6.36 4.10 15.31
CA LYS C 166 7.43 3.58 14.46
C LYS C 166 8.17 2.46 15.17
N ASP C 167 8.53 2.68 16.41
CA ASP C 167 9.21 1.68 17.20
C ASP C 167 8.18 0.66 17.66
N ASN C 168 6.92 0.99 17.45
CA ASN C 168 5.83 0.11 17.84
C ASN C 168 5.34 -0.77 16.70
N TYR C 169 5.78 -0.47 15.49
CA TYR C 169 5.39 -1.23 14.28
C TYR C 169 5.62 -2.70 14.46
N LEU C 170 6.88 -3.07 14.69
CA LEU C 170 7.29 -4.44 14.90
C LEU C 170 6.50 -5.02 16.07
N ASN C 171 6.22 -4.17 17.05
CA ASN C 171 5.45 -4.59 18.20
C ASN C 171 3.98 -4.79 17.83
N TYR C 172 3.48 -3.98 16.91
CA TYR C 172 2.10 -4.14 16.48
C TYR C 172 1.97 -5.37 15.59
N HIS C 173 2.89 -5.51 14.65
CA HIS C 173 2.85 -6.64 13.72
C HIS C 173 2.72 -7.97 14.42
N LYS C 174 3.53 -8.16 15.46
CA LYS C 174 3.52 -9.38 16.25
C LYS C 174 2.11 -9.74 16.68
N ARG C 175 1.29 -8.72 16.89
CA ARG C 175 -0.09 -8.91 17.31
C ARG C 175 -1.01 -8.91 16.08
N LEU C 176 -0.91 -7.85 15.28
CA LEU C 176 -1.73 -7.68 14.07
C LEU C 176 -1.78 -8.86 13.12
N ILE C 177 -0.70 -9.63 13.07
CA ILE C 177 -0.63 -10.80 12.19
C ILE C 177 -1.69 -11.86 12.54
N ASP C 178 -2.27 -11.75 13.74
CA ASP C 178 -3.28 -12.70 14.17
C ASP C 178 -4.68 -12.14 14.05
N LEU C 179 -4.81 -10.81 14.12
CA LEU C 179 -6.12 -10.19 14.00
C LEU C 179 -6.66 -10.15 12.55
N VAL C 180 -5.78 -10.16 11.56
CA VAL C 180 -6.22 -10.15 10.15
C VAL C 180 -6.45 -11.56 9.63
N LYS C 181 -7.44 -11.70 8.74
CA LYS C 181 -7.77 -12.99 8.17
C LYS C 181 -6.82 -13.39 7.04
N VAL C 182 -7.31 -14.25 6.14
CA VAL C 182 -6.57 -14.76 4.98
C VAL C 182 -5.78 -13.66 4.24
N GLY C 183 -6.39 -13.03 3.23
CA GLY C 183 -5.72 -11.96 2.50
C GLY C 183 -5.35 -10.88 3.49
N GLY C 184 -6.34 -10.47 4.27
CA GLY C 184 -6.11 -9.46 5.29
C GLY C 184 -5.43 -8.18 4.89
N VAL C 185 -4.16 -8.23 4.53
CA VAL C 185 -3.48 -7.00 4.17
C VAL C 185 -3.34 -6.07 5.37
N ILE C 186 -2.10 -5.86 5.76
CA ILE C 186 -1.76 -4.96 6.83
C ILE C 186 -0.90 -3.95 6.09
N GLY C 187 -1.18 -2.67 6.27
CA GLY C 187 -0.39 -1.66 5.61
C GLY C 187 0.32 -0.79 6.63
N TYR C 188 1.57 -0.46 6.37
CA TYR C 188 2.33 0.39 7.29
C TYR C 188 2.86 1.61 6.52
N ASP C 189 2.66 2.80 7.07
CA ASP C 189 3.10 4.01 6.39
C ASP C 189 4.54 4.41 6.68
N ASN C 190 5.06 5.35 5.90
CA ASN C 190 6.41 5.88 6.01
C ASN C 190 7.52 4.83 6.01
N THR C 191 7.26 3.69 5.39
CA THR C 191 8.24 2.61 5.35
C THR C 191 9.47 2.92 4.52
N LEU C 192 9.46 4.04 3.80
CA LEU C 192 10.61 4.44 3.00
C LEU C 192 11.25 5.67 3.64
N TRP C 193 10.62 6.12 4.72
CA TRP C 193 11.08 7.27 5.51
C TRP C 193 11.90 8.32 4.76
N ASN C 194 11.24 9.04 3.87
CA ASN C 194 11.85 10.13 3.12
C ASN C 194 13.23 9.89 2.47
N GLY C 195 13.61 8.64 2.26
CA GLY C 195 14.90 8.35 1.65
C GLY C 195 15.90 7.74 2.61
N SER C 196 15.40 6.83 3.45
CA SER C 196 16.19 6.13 4.46
C SER C 196 17.66 6.01 4.12
N VAL C 197 17.99 5.02 3.31
CA VAL C 197 19.37 4.78 2.90
C VAL C 197 20.02 5.91 2.12
N VAL C 198 20.52 6.90 2.85
CA VAL C 198 21.17 8.05 2.25
C VAL C 198 22.65 7.72 2.16
N ALA C 199 23.44 8.68 1.69
CA ALA C 199 24.87 8.50 1.57
C ALA C 199 25.32 7.97 2.92
N PRO C 200 26.19 6.95 2.93
CA PRO C 200 26.70 6.34 4.16
C PRO C 200 26.96 7.38 5.25
N PRO C 201 27.01 6.94 6.52
CA PRO C 201 27.25 7.82 7.66
C PRO C 201 28.13 9.04 7.36
N ASP C 202 27.51 10.05 6.74
CA ASP C 202 28.19 11.29 6.38
C ASP C 202 27.16 12.17 5.69
N ALA C 203 25.89 11.81 5.85
CA ALA C 203 24.80 12.55 5.25
C ALA C 203 24.25 13.57 6.24
N PRO C 204 24.03 14.81 5.79
CA PRO C 204 23.49 15.89 6.63
C PRO C 204 22.02 15.69 6.97
N LEU C 205 21.71 14.61 7.68
CA LEU C 205 20.32 14.33 8.04
C LEU C 205 20.03 14.59 9.51
N ARG C 206 18.94 15.32 9.77
CA ARG C 206 18.51 15.65 11.11
C ARG C 206 18.57 14.42 12.02
N LYS C 207 18.80 14.66 13.30
CA LYS C 207 18.85 13.59 14.27
C LYS C 207 17.47 12.94 14.35
N TYR C 208 16.44 13.77 14.25
CA TYR C 208 15.07 13.26 14.31
C TYR C 208 14.83 12.14 13.32
N VAL C 209 15.27 12.34 12.08
CA VAL C 209 15.08 11.34 11.04
C VAL C 209 16.01 10.14 11.24
N ARG C 210 17.26 10.42 11.58
CA ARG C 210 18.23 9.35 11.81
C ARG C 210 17.77 8.42 12.93
N TYR C 211 17.08 8.98 13.92
CA TYR C 211 16.59 8.22 15.05
C TYR C 211 15.56 7.19 14.64
N TYR C 212 14.61 7.61 13.80
CA TYR C 212 13.57 6.70 13.34
C TYR C 212 13.99 5.81 12.20
N ARG C 213 14.95 6.25 11.39
CA ARG C 213 15.43 5.46 10.27
C ARG C 213 15.87 4.08 10.75
N ASP C 214 16.38 4.04 11.97
CA ASP C 214 16.84 2.79 12.54
C ASP C 214 15.72 1.79 12.71
N PHE C 215 14.56 2.26 13.16
CA PHE C 215 13.42 1.38 13.36
C PHE C 215 12.80 0.96 12.05
N VAL C 216 12.90 1.83 11.05
CA VAL C 216 12.35 1.56 9.73
C VAL C 216 13.21 0.47 9.09
N LEU C 217 14.48 0.77 8.88
CA LEU C 217 15.43 -0.18 8.28
C LEU C 217 15.23 -1.58 8.86
N GLU C 218 15.04 -1.64 10.16
CA GLU C 218 14.83 -2.90 10.85
C GLU C 218 13.45 -3.45 10.50
N LEU C 219 12.43 -2.60 10.60
CA LEU C 219 11.04 -3.01 10.30
C LEU C 219 10.97 -3.57 8.90
N ASN C 220 11.66 -2.92 7.98
CA ASN C 220 11.70 -3.36 6.60
C ASN C 220 12.32 -4.75 6.50
N LYS C 221 13.50 -4.92 7.11
CA LYS C 221 14.19 -6.22 7.06
C LYS C 221 13.34 -7.35 7.65
N ALA C 222 12.70 -7.08 8.77
CA ALA C 222 11.86 -8.11 9.39
C ALA C 222 10.73 -8.48 8.45
N LEU C 223 9.96 -7.47 8.05
CA LEU C 223 8.83 -7.67 7.18
C LEU C 223 9.21 -8.42 5.91
N ALA C 224 10.37 -8.08 5.35
CA ALA C 224 10.81 -8.73 4.14
C ALA C 224 11.03 -10.22 4.34
N VAL C 225 11.30 -10.63 5.57
CA VAL C 225 11.58 -12.03 5.85
C VAL C 225 10.44 -12.81 6.49
N ASP C 226 9.46 -12.13 7.05
CA ASP C 226 8.36 -12.83 7.66
C ASP C 226 7.75 -13.77 6.62
N PRO C 227 7.68 -15.08 6.91
CA PRO C 227 7.13 -16.09 6.01
C PRO C 227 5.60 -16.17 6.00
N ARG C 228 4.95 -15.35 6.80
CA ARG C 228 3.50 -15.37 6.88
C ARG C 228 2.83 -14.32 6.00
N ILE C 229 3.63 -13.47 5.37
CA ILE C 229 3.10 -12.42 4.52
C ILE C 229 3.81 -12.38 3.17
N GLU C 230 3.34 -11.50 2.28
CA GLU C 230 3.96 -11.38 0.96
C GLU C 230 4.57 -9.99 0.73
N ILE C 231 3.94 -8.98 1.30
CA ILE C 231 4.43 -7.60 1.20
C ILE C 231 4.73 -7.01 -0.18
N CYS C 232 4.75 -5.69 -0.21
CA CYS C 232 4.96 -4.96 -1.44
C CYS C 232 5.18 -3.48 -1.07
N MET C 233 6.39 -2.97 -1.29
CA MET C 233 6.70 -1.57 -0.96
C MET C 233 6.35 -0.59 -2.07
N LEU C 234 5.21 0.08 -1.93
CA LEU C 234 4.78 1.01 -2.96
C LEU C 234 5.20 2.44 -2.69
N PRO C 235 5.71 3.12 -3.71
CA PRO C 235 6.13 4.51 -3.52
C PRO C 235 4.96 5.50 -3.57
N VAL C 236 4.10 5.41 -2.58
CA VAL C 236 2.98 6.33 -2.49
C VAL C 236 3.30 7.20 -1.28
N GLY C 237 3.37 8.51 -1.48
CA GLY C 237 3.68 9.40 -0.39
C GLY C 237 5.09 9.19 0.13
N ASP C 238 5.20 8.81 1.40
CA ASP C 238 6.49 8.58 2.05
C ASP C 238 6.79 7.08 2.09
N GLY C 239 6.01 6.31 1.34
CA GLY C 239 6.21 4.87 1.29
C GLY C 239 5.20 4.11 2.11
N ILE C 240 4.54 3.13 1.49
CA ILE C 240 3.55 2.29 2.18
C ILE C 240 3.80 0.82 1.82
N THR C 241 3.97 -0.01 2.84
CA THR C 241 4.21 -1.43 2.61
C THR C 241 2.91 -2.20 2.84
N ILE C 242 2.42 -2.86 1.79
CA ILE C 242 1.21 -3.64 1.91
C ILE C 242 1.60 -5.07 2.19
N CYS C 243 1.05 -5.63 3.26
CA CYS C 243 1.34 -6.99 3.65
C CYS C 243 0.11 -7.85 3.53
N ARG C 244 0.21 -8.95 2.80
CA ARG C 244 -0.91 -9.85 2.66
C ARG C 244 -0.56 -11.07 3.48
N ARG C 245 -1.52 -11.55 4.26
CA ARG C 245 -1.29 -12.70 5.11
C ARG C 245 -1.51 -14.02 4.36
N ILE C 246 -0.51 -14.89 4.39
CA ILE C 246 -0.59 -16.17 3.69
C ILE C 246 -0.57 -17.36 4.65
N LYS C 247 -0.07 -17.17 5.85
CA LYS C 247 -0.03 -18.24 6.84
C LYS C 247 -0.66 -17.77 8.14
N LYS D 21 25.53 25.96 42.88
CA LYS D 21 24.65 25.39 41.81
C LYS D 21 23.74 26.46 41.22
N SER D 22 22.76 26.04 40.40
CA SER D 22 21.85 26.98 39.75
C SER D 22 20.40 26.90 40.25
N LEU D 23 19.52 27.63 39.58
CA LEU D 23 18.10 27.69 39.92
C LEU D 23 17.20 27.00 38.89
N LEU D 24 17.82 26.37 37.90
CA LEU D 24 17.06 25.68 36.85
C LEU D 24 16.84 24.20 37.12
N GLN D 25 16.42 23.46 36.09
CA GLN D 25 16.13 22.03 36.20
C GLN D 25 17.37 21.17 36.41
N SER D 26 18.44 21.51 35.71
CA SER D 26 19.67 20.74 35.80
C SER D 26 20.90 21.58 35.49
N ASP D 27 22.03 21.21 36.08
CA ASP D 27 23.29 21.93 35.86
C ASP D 27 23.55 22.07 34.36
N ALA D 28 22.98 21.15 33.59
CA ALA D 28 23.15 21.11 32.14
C ALA D 28 22.35 22.19 31.38
N LEU D 29 21.06 22.29 31.65
CA LEU D 29 20.23 23.29 30.97
C LEU D 29 20.91 24.63 31.15
N TYR D 30 21.37 24.87 32.37
CA TYR D 30 22.06 26.12 32.69
C TYR D 30 23.39 26.10 31.96
N GLN D 31 24.01 24.94 31.96
CA GLN D 31 25.29 24.77 31.30
C GLN D 31 25.21 25.08 29.81
N TYR D 32 24.15 24.60 29.18
CA TYR D 32 23.95 24.82 27.74
C TYR D 32 23.89 26.31 27.44
N ILE D 33 23.11 27.04 28.23
CA ILE D 33 22.97 28.46 28.04
C ILE D 33 24.33 29.16 28.06
N LEU D 34 25.17 28.78 29.02
CA LEU D 34 26.51 29.38 29.13
C LEU D 34 27.42 29.04 27.96
N GLU D 35 27.43 27.76 27.57
CA GLU D 35 28.26 27.29 26.47
C GLU D 35 27.91 27.89 25.11
N THR D 36 26.62 28.11 24.87
CA THR D 36 26.17 28.64 23.59
C THR D 36 25.35 29.92 23.65
N SER D 37 25.84 30.94 24.34
CA SER D 37 25.11 32.19 24.43
C SER D 37 25.86 33.31 25.14
N VAL D 38 26.36 33.02 26.34
CA VAL D 38 27.09 34.02 27.11
C VAL D 38 28.60 33.93 26.92
N PHE D 39 29.19 32.79 27.27
CA PHE D 39 30.64 32.60 27.14
C PHE D 39 31.19 33.06 25.80
N PRO D 40 30.50 32.73 24.68
CA PRO D 40 30.99 33.15 23.37
C PRO D 40 30.79 34.65 23.18
N ARG D 41 31.91 35.38 23.18
CA ARG D 41 31.91 36.83 23.00
C ARG D 41 31.20 37.64 24.08
N GLU D 42 31.98 38.46 24.79
CA GLU D 42 31.48 39.33 25.84
C GLU D 42 32.55 40.23 26.48
N HIS D 43 33.24 41.00 25.63
CA HIS D 43 34.28 41.94 26.06
C HIS D 43 35.60 41.38 26.56
N GLU D 44 35.65 40.06 26.78
CA GLU D 44 36.87 39.41 27.26
C GLU D 44 37.23 39.80 28.69
N ALA D 45 37.16 41.09 28.99
CA ALA D 45 37.48 41.61 30.32
C ALA D 45 36.79 40.78 31.39
N MET D 46 35.50 40.53 31.18
CA MET D 46 34.70 39.73 32.10
C MET D 46 35.47 38.44 32.40
N LYS D 47 35.89 37.76 31.35
CA LYS D 47 36.62 36.52 31.49
C LYS D 47 37.89 36.74 32.30
N GLU D 48 38.59 37.83 32.00
CA GLU D 48 39.83 38.14 32.69
C GLU D 48 39.54 38.34 34.19
N LEU D 49 38.59 39.22 34.49
CA LEU D 49 38.23 39.49 35.86
C LEU D 49 37.97 38.21 36.63
N ARG D 50 37.06 37.39 36.13
CA ARG D 50 36.71 36.13 36.75
C ARG D 50 37.91 35.22 36.99
N GLU D 51 38.77 35.12 35.99
CA GLU D 51 39.97 34.28 36.12
C GLU D 51 40.57 34.44 37.50
N VAL D 52 40.68 35.69 37.95
CA VAL D 52 41.25 35.99 39.26
C VAL D 52 40.17 36.03 40.35
N THR D 53 38.96 36.41 39.97
CA THR D 53 37.85 36.48 40.92
C THR D 53 37.46 35.11 41.44
N ALA D 54 38.21 34.10 41.03
CA ALA D 54 37.93 32.74 41.47
C ALA D 54 38.89 32.43 42.62
N LYS D 55 39.71 33.42 42.96
CA LYS D 55 40.69 33.29 44.04
C LYS D 55 40.10 33.77 45.37
N HIS D 56 39.56 35.00 45.38
CA HIS D 56 38.97 35.56 46.59
C HIS D 56 38.02 34.53 47.19
N PRO D 57 38.32 34.05 48.40
CA PRO D 57 37.52 33.05 49.13
C PRO D 57 36.01 33.22 49.01
N TRP D 58 35.56 34.47 48.85
CA TRP D 58 34.14 34.75 48.75
C TRP D 58 33.65 34.96 47.33
N ASN D 59 34.12 34.10 46.42
CA ASN D 59 33.73 34.19 45.01
C ASN D 59 32.30 33.67 44.81
N ILE D 60 31.75 33.09 45.86
CA ILE D 60 30.40 32.54 45.81
C ILE D 60 29.36 33.68 45.65
N MET D 61 29.84 34.92 45.67
CA MET D 61 28.97 36.09 45.54
C MET D 61 28.98 36.67 44.14
N THR D 62 30.11 36.52 43.46
CA THR D 62 30.27 37.04 42.11
C THR D 62 29.02 36.83 41.27
N THR D 63 28.67 37.84 40.47
CA THR D 63 27.49 37.73 39.62
C THR D 63 27.86 36.82 38.45
N SER D 64 26.99 35.86 38.15
CA SER D 64 27.22 34.93 37.06
C SER D 64 27.13 35.64 35.71
N ALA D 65 28.05 35.30 34.81
CA ALA D 65 28.08 35.90 33.48
C ALA D 65 26.69 35.81 32.89
N ASP D 66 26.01 34.70 33.18
CA ASP D 66 24.67 34.48 32.68
C ASP D 66 23.79 35.69 33.00
N GLU D 67 23.90 36.20 34.22
CA GLU D 67 23.11 37.36 34.64
C GLU D 67 23.77 38.66 34.18
N GLY D 68 25.09 38.61 34.03
CA GLY D 68 25.83 39.78 33.59
C GLY D 68 25.38 40.26 32.23
N GLN D 69 25.32 39.35 31.27
CA GLN D 69 24.88 39.69 29.93
C GLN D 69 23.51 40.36 30.00
N PHE D 70 22.61 39.80 30.80
CA PHE D 70 21.26 40.36 30.93
C PHE D 70 21.30 41.84 31.24
N LEU D 71 22.21 42.23 32.12
CA LEU D 71 22.33 43.64 32.48
C LEU D 71 22.77 44.44 31.27
N SER D 72 23.89 44.03 30.67
CA SER D 72 24.43 44.71 29.49
C SER D 72 23.32 45.08 28.53
N MET D 73 22.37 44.19 28.35
CA MET D 73 21.26 44.43 27.45
C MET D 73 20.34 45.49 28.02
N LEU D 74 19.69 45.15 29.13
CA LEU D 74 18.76 46.05 29.80
C LEU D 74 19.23 47.50 29.81
N LEU D 75 20.54 47.70 29.97
CA LEU D 75 21.13 49.04 30.02
C LEU D 75 21.14 49.74 28.66
N LYS D 76 21.36 48.97 27.59
CA LYS D 76 21.39 49.52 26.25
C LYS D 76 19.96 49.74 25.74
N LEU D 77 19.07 48.81 26.09
CA LEU D 77 17.68 48.90 25.67
C LEU D 77 16.97 50.05 26.39
N ILE D 78 17.74 50.88 27.08
CA ILE D 78 17.19 52.01 27.82
C ILE D 78 18.17 53.19 27.81
N ASN D 79 19.41 52.91 27.43
CA ASN D 79 20.46 53.93 27.37
C ASN D 79 20.61 54.56 28.76
N ALA D 80 21.48 53.99 29.57
CA ALA D 80 21.71 54.49 30.91
C ALA D 80 22.77 55.58 30.94
N LYS D 81 22.33 56.82 31.09
CA LYS D 81 23.24 57.96 31.14
C LYS D 81 23.97 57.94 32.47
N ASN D 82 23.23 58.21 33.54
CA ASN D 82 23.77 58.24 34.89
C ASN D 82 23.13 57.09 35.68
N THR D 83 23.95 56.35 36.42
CA THR D 83 23.45 55.22 37.18
C THR D 83 24.10 55.05 38.55
N MET D 84 23.71 53.98 39.24
CA MET D 84 24.22 53.68 40.57
C MET D 84 24.19 52.19 40.90
N GLU D 85 25.23 51.69 41.57
CA GLU D 85 25.30 50.29 41.96
C GLU D 85 25.77 50.16 43.41
N ILE D 86 24.91 49.58 44.25
CA ILE D 86 25.21 49.37 45.68
C ILE D 86 25.75 47.96 45.89
N GLY D 87 27.04 47.86 46.11
CA GLY D 87 27.68 46.57 46.30
C GLY D 87 28.61 46.36 45.14
N VAL D 88 29.80 45.82 45.37
CA VAL D 88 30.74 45.61 44.29
C VAL D 88 31.51 44.30 44.40
N TYR D 89 32.57 44.28 45.21
CA TYR D 89 33.37 43.08 45.38
C TYR D 89 33.85 42.60 44.02
N THR D 90 35.07 42.96 43.64
CA THR D 90 35.60 42.55 42.34
C THR D 90 34.94 43.39 41.25
N GLY D 91 33.64 43.61 41.41
CA GLY D 91 32.88 44.39 40.44
C GLY D 91 32.63 43.75 39.09
N TYR D 92 32.28 42.46 39.08
CA TYR D 92 32.01 41.80 37.81
C TYR D 92 30.75 42.42 37.24
N SER D 93 29.70 42.49 38.05
CA SER D 93 28.45 43.08 37.62
C SER D 93 28.64 44.58 37.42
N LEU D 94 29.86 45.04 37.65
CA LEU D 94 30.19 46.45 37.50
C LEU D 94 30.92 46.66 36.17
N LEU D 95 31.99 45.90 35.96
CA LEU D 95 32.78 45.98 34.73
C LEU D 95 31.83 45.95 33.54
N ALA D 96 30.75 45.21 33.69
CA ALA D 96 29.74 45.10 32.65
C ALA D 96 29.02 46.43 32.53
N THR D 97 28.42 46.89 33.62
CA THR D 97 27.69 48.15 33.63
C THR D 97 28.52 49.21 32.91
N ALA D 98 29.81 49.22 33.19
CA ALA D 98 30.74 50.17 32.59
C ALA D 98 30.82 50.00 31.08
N LEU D 99 31.39 48.88 30.65
CA LEU D 99 31.52 48.60 29.23
C LEU D 99 30.19 48.84 28.49
N ALA D 100 29.09 48.75 29.22
CA ALA D 100 27.77 48.96 28.66
C ALA D 100 27.49 50.44 28.44
N ILE D 101 27.40 51.18 29.54
CA ILE D 101 27.13 52.60 29.46
C ILE D 101 28.05 53.30 28.47
N PRO D 102 27.58 54.40 27.88
CA PRO D 102 28.35 55.18 26.90
C PRO D 102 29.67 55.75 27.43
N GLU D 103 30.08 56.88 26.87
CA GLU D 103 31.33 57.53 27.25
C GLU D 103 31.09 58.73 28.18
N ASP D 104 29.84 59.13 28.31
CA ASP D 104 29.50 60.28 29.17
C ASP D 104 28.75 59.82 30.42
N GLY D 105 28.60 58.51 30.58
CA GLY D 105 27.91 57.98 31.73
C GLY D 105 28.85 57.62 32.87
N LYS D 106 28.47 57.98 34.09
CA LYS D 106 29.26 57.69 35.28
C LYS D 106 28.45 56.82 36.23
N ILE D 107 29.16 56.06 37.05
CA ILE D 107 28.52 55.16 38.01
C ILE D 107 28.83 55.60 39.43
N LEU D 108 27.95 55.26 40.36
CA LEU D 108 28.12 55.59 41.76
C LEU D 108 28.18 54.31 42.60
N ALA D 109 29.36 53.69 42.62
CA ALA D 109 29.57 52.44 43.37
C ALA D 109 29.68 52.67 44.88
N MET D 110 29.26 51.68 45.65
CA MET D 110 29.31 51.72 47.11
C MET D 110 29.47 50.32 47.68
N ASP D 111 30.57 50.09 48.41
CA ASP D 111 30.83 48.78 48.98
C ASP D 111 31.66 48.90 50.27
N ILE D 112 31.18 48.27 51.34
CA ILE D 112 31.88 48.28 52.62
C ILE D 112 33.37 48.04 52.48
N ASN D 113 33.73 47.02 51.69
CA ASN D 113 35.12 46.66 51.48
C ASN D 113 35.67 47.27 50.19
N LYS D 114 36.64 48.18 50.34
CA LYS D 114 37.25 48.84 49.18
C LYS D 114 38.32 47.95 48.55
N GLU D 115 38.99 47.17 49.37
CA GLU D 115 40.04 46.28 48.91
C GLU D 115 39.63 45.43 47.70
N ASN D 116 38.73 44.49 47.94
CA ASN D 116 38.22 43.59 46.89
C ASN D 116 38.02 44.35 45.58
N TYR D 117 37.21 45.40 45.61
CA TYR D 117 36.95 46.21 44.42
C TYR D 117 38.25 46.60 43.75
N GLU D 118 39.18 47.13 44.54
CA GLU D 118 40.47 47.55 44.01
C GLU D 118 41.21 46.35 43.45
N LEU D 119 40.98 45.18 44.05
CA LEU D 119 41.63 43.96 43.58
C LEU D 119 41.21 43.71 42.14
N GLY D 120 40.01 44.18 41.81
CA GLY D 120 39.49 44.02 40.46
C GLY D 120 39.58 45.28 39.64
N LEU D 121 40.13 46.34 40.23
CA LEU D 121 40.28 47.61 39.54
C LEU D 121 41.24 47.48 38.35
N PRO D 122 42.32 46.69 38.49
CA PRO D 122 43.26 46.53 37.38
C PRO D 122 42.56 46.07 36.11
N VAL D 123 41.75 45.02 36.25
CA VAL D 123 41.01 44.48 35.12
C VAL D 123 39.84 45.42 34.82
N ILE D 124 40.09 46.71 34.96
CA ILE D 124 39.08 47.74 34.69
C ILE D 124 39.84 48.96 34.20
N LYS D 125 41.06 49.11 34.70
CA LYS D 125 41.93 50.21 34.32
C LYS D 125 42.46 49.82 32.94
N LYS D 126 42.60 48.51 32.76
CA LYS D 126 43.08 47.91 31.52
C LYS D 126 42.04 48.02 30.41
N ALA D 127 40.79 47.70 30.73
CA ALA D 127 39.71 47.77 29.76
C ALA D 127 39.16 49.17 29.63
N GLY D 128 39.66 50.08 30.46
CA GLY D 128 39.21 51.45 30.42
C GLY D 128 37.83 51.67 31.01
N VAL D 129 37.16 52.72 30.55
CA VAL D 129 35.81 53.09 31.00
C VAL D 129 35.72 53.18 32.53
N ASP D 130 36.86 52.98 33.18
CA ASP D 130 36.94 53.04 34.63
C ASP D 130 36.85 54.47 35.13
N HIS D 131 37.04 55.42 34.21
CA HIS D 131 36.97 56.83 34.55
C HIS D 131 35.53 57.29 34.74
N LYS D 132 34.66 56.37 35.14
CA LYS D 132 33.25 56.68 35.34
C LYS D 132 32.76 56.03 36.63
N ILE D 133 33.61 55.21 37.24
CA ILE D 133 33.27 54.54 38.47
C ILE D 133 33.58 55.39 39.70
N ASP D 134 32.61 56.21 40.09
CA ASP D 134 32.77 57.07 41.26
C ASP D 134 32.53 56.17 42.47
N PHE D 135 33.59 55.52 42.92
CA PHE D 135 33.52 54.61 44.05
C PHE D 135 33.64 55.32 45.39
N ARG D 136 32.88 54.85 46.38
CA ARG D 136 32.92 55.43 47.72
C ARG D 136 33.41 54.41 48.75
N GLU D 137 32.89 54.48 49.98
CA GLU D 137 33.32 53.56 51.02
C GLU D 137 32.32 53.35 52.15
N GLY D 138 32.54 52.29 52.91
CA GLY D 138 31.69 51.95 54.03
C GLY D 138 30.20 51.88 53.76
N PRO D 139 29.38 52.04 54.81
CA PRO D 139 27.91 51.99 54.71
C PRO D 139 27.39 52.75 53.50
N ALA D 140 26.32 52.24 52.91
CA ALA D 140 25.72 52.85 51.74
C ALA D 140 24.50 53.67 52.11
N LEU D 141 23.73 53.18 53.06
CA LEU D 141 22.53 53.88 53.49
C LEU D 141 22.83 55.35 53.82
N PRO D 142 23.86 55.61 54.63
CA PRO D 142 24.23 56.97 55.01
C PRO D 142 24.54 57.84 53.79
N VAL D 143 25.40 57.30 52.91
CA VAL D 143 25.81 57.98 51.69
C VAL D 143 24.62 58.13 50.74
N LEU D 144 23.51 57.49 51.10
CA LEU D 144 22.30 57.53 50.30
C LEU D 144 21.35 58.63 50.78
N ASP D 145 21.79 59.39 51.77
CA ASP D 145 20.98 60.47 52.31
C ASP D 145 21.55 61.80 51.84
N GLU D 146 22.82 61.79 51.45
CA GLU D 146 23.49 63.00 50.96
C GLU D 146 22.63 63.67 49.90
N MET D 147 22.06 62.84 49.04
CA MET D 147 21.22 63.30 47.94
C MET D 147 19.79 63.61 48.38
N ILE D 148 19.24 62.75 49.23
CA ILE D 148 17.88 62.92 49.72
C ILE D 148 17.64 64.36 50.19
N LYS D 149 18.71 65.04 50.57
CA LYS D 149 18.62 66.41 51.03
C LYS D 149 18.32 67.38 49.88
N ASP D 150 19.22 67.42 48.89
CA ASP D 150 19.05 68.29 47.74
C ASP D 150 17.78 68.02 46.96
N GLU D 151 16.79 68.90 47.10
CA GLU D 151 15.51 68.75 46.40
C GLU D 151 15.80 68.63 44.90
N LYS D 152 17.02 69.03 44.52
CA LYS D 152 17.46 68.99 43.14
C LYS D 152 18.65 68.04 43.01
N ASN D 153 18.36 66.75 43.03
CA ASN D 153 19.34 65.69 42.91
C ASN D 153 18.53 64.40 42.85
N HIS D 154 17.22 64.56 42.99
CA HIS D 154 16.28 63.44 42.95
C HIS D 154 16.11 62.96 41.52
N GLY D 155 16.05 61.64 41.34
CA GLY D 155 15.87 61.07 40.02
C GLY D 155 17.05 61.25 39.08
N SER D 156 18.15 61.82 39.58
CA SER D 156 19.32 62.04 38.73
C SER D 156 19.89 60.72 38.23
N TYR D 157 19.24 59.61 38.61
CA TYR D 157 19.69 58.29 38.20
C TYR D 157 18.71 57.61 37.25
N ASP D 158 19.24 56.76 36.37
CA ASP D 158 18.42 56.05 35.41
C ASP D 158 18.40 54.54 35.69
N PHE D 159 19.45 54.05 36.35
CA PHE D 159 19.56 52.63 36.67
C PHE D 159 20.25 52.42 38.01
N ILE D 160 19.57 51.73 38.92
CA ILE D 160 20.13 51.43 40.23
C ILE D 160 20.09 49.94 40.51
N PHE D 161 21.26 49.34 40.69
CA PHE D 161 21.38 47.92 40.95
C PHE D 161 21.78 47.68 42.41
N VAL D 162 20.82 47.29 43.23
CA VAL D 162 21.07 47.03 44.65
C VAL D 162 21.40 45.56 44.87
N ASP D 163 22.68 45.25 44.91
CA ASP D 163 23.12 43.88 45.10
C ASP D 163 24.21 43.81 46.16
N ALA D 164 23.84 44.06 47.41
CA ALA D 164 24.78 44.03 48.52
C ALA D 164 24.18 43.25 49.69
N ASP D 165 23.78 43.96 50.74
CA ASP D 165 23.18 43.32 51.91
C ASP D 165 21.74 43.00 51.52
N LYS D 166 20.98 42.44 52.44
CA LYS D 166 19.59 42.09 52.14
C LYS D 166 18.58 42.74 53.06
N ASP D 167 18.84 42.71 54.36
CA ASP D 167 17.93 43.30 55.34
C ASP D 167 17.70 44.80 55.15
N ASN D 168 18.54 45.43 54.34
CA ASN D 168 18.41 46.86 54.07
C ASN D 168 17.74 47.15 52.74
N TYR D 169 17.43 46.09 51.99
CA TYR D 169 16.77 46.30 50.70
C TYR D 169 15.51 47.11 50.86
N LEU D 170 14.60 46.64 51.70
CA LEU D 170 13.34 47.33 51.94
C LEU D 170 13.59 48.77 52.37
N ASN D 171 14.72 49.00 53.05
CA ASN D 171 15.07 50.35 53.50
C ASN D 171 15.48 51.21 52.31
N TYR D 172 16.60 50.87 51.67
CA TYR D 172 17.09 51.61 50.52
C TYR D 172 15.91 52.01 49.65
N HIS D 173 15.01 51.05 49.42
CA HIS D 173 13.82 51.26 48.60
C HIS D 173 13.12 52.60 48.83
N LYS D 174 13.07 53.05 50.09
CA LYS D 174 12.39 54.31 50.37
C LYS D 174 13.27 55.50 50.03
N ARG D 175 14.53 55.44 50.40
CA ARG D 175 15.46 56.53 50.10
C ARG D 175 16.24 56.23 48.83
N LEU D 176 15.61 55.53 47.90
CA LEU D 176 16.25 55.16 46.64
C LEU D 176 15.25 55.27 45.50
N ILE D 177 13.97 55.20 45.84
CA ILE D 177 12.90 55.29 44.86
C ILE D 177 12.89 56.67 44.20
N ASP D 178 13.19 57.70 44.99
CA ASP D 178 13.20 59.07 44.49
C ASP D 178 14.53 59.52 43.87
N LEU D 179 15.48 58.60 43.75
CA LEU D 179 16.78 58.92 43.18
C LEU D 179 16.85 58.60 41.69
N VAL D 180 15.91 57.78 41.21
CA VAL D 180 15.84 57.38 39.80
C VAL D 180 14.68 58.10 39.13
N LYS D 181 13.51 57.93 39.72
CA LYS D 181 12.26 58.53 39.26
C LYS D 181 12.00 58.53 37.75
N VAL D 182 10.73 58.71 37.40
CA VAL D 182 10.30 58.76 36.01
C VAL D 182 10.75 57.55 35.18
N GLY D 183 11.93 57.66 34.56
CA GLY D 183 12.46 56.58 33.73
C GLY D 183 12.33 55.18 34.30
N GLY D 184 12.24 55.07 35.62
CA GLY D 184 12.13 53.77 36.27
C GLY D 184 13.40 52.95 36.17
N VAL D 185 13.38 51.77 36.81
CA VAL D 185 14.49 50.83 36.82
C VAL D 185 14.68 50.19 38.21
N ILE D 186 15.91 50.24 38.74
CA ILE D 186 16.21 49.69 40.06
C ILE D 186 15.93 48.19 40.11
N GLY D 187 16.99 47.40 40.18
CA GLY D 187 16.83 45.96 40.25
C GLY D 187 17.52 45.37 41.45
N TYR D 188 16.74 44.80 42.37
CA TYR D 188 17.30 44.18 43.58
C TYR D 188 17.71 42.75 43.26
N ASP D 189 19.00 42.46 43.42
CA ASP D 189 19.54 41.14 43.10
C ASP D 189 19.47 40.06 44.19
N ASN D 190 19.14 38.85 43.76
CA ASN D 190 19.03 37.67 44.62
C ASN D 190 17.65 37.52 45.27
N THR D 191 16.62 38.11 44.68
CA THR D 191 15.30 38.02 45.26
C THR D 191 14.69 36.63 45.30
N LEU D 192 15.46 35.63 44.89
CA LEU D 192 14.99 34.24 44.92
C LEU D 192 15.82 33.47 45.93
N TRP D 193 16.83 34.14 46.45
CA TRP D 193 17.72 33.59 47.47
C TRP D 193 17.67 32.06 47.55
N ASN D 194 18.11 31.39 46.49
CA ASN D 194 18.13 29.94 46.45
C ASN D 194 16.81 29.27 46.84
N GLY D 195 16.69 28.88 48.10
CA GLY D 195 15.49 28.24 48.58
C GLY D 195 14.60 29.16 49.38
N SER D 196 13.80 29.95 48.67
CA SER D 196 12.89 30.90 49.29
C SER D 196 11.60 30.19 49.68
N VAL D 197 11.31 29.08 49.02
CA VAL D 197 10.12 28.32 49.29
C VAL D 197 10.50 26.88 49.63
N VAL D 198 11.67 26.73 50.25
CA VAL D 198 12.15 25.40 50.61
C VAL D 198 11.30 24.77 51.72
N ALA D 199 11.40 23.46 51.86
CA ALA D 199 10.65 22.68 52.85
C ALA D 199 10.55 23.33 54.24
N PRO D 200 9.68 22.78 55.11
CA PRO D 200 9.45 23.26 56.48
C PRO D 200 10.75 23.25 57.27
N PRO D 201 10.69 23.53 58.59
CA PRO D 201 11.91 23.53 59.40
C PRO D 201 12.66 22.21 59.27
N ASP D 202 12.19 21.38 58.35
CA ASP D 202 12.77 20.07 58.06
C ASP D 202 13.80 20.23 56.96
N ALA D 203 13.86 21.42 56.37
CA ALA D 203 14.80 21.72 55.30
C ALA D 203 16.11 22.26 55.88
N PRO D 204 17.15 21.42 55.92
CA PRO D 204 18.47 21.77 56.44
C PRO D 204 19.22 22.85 55.66
N LEU D 205 18.90 24.12 55.90
CA LEU D 205 19.60 25.19 55.21
C LEU D 205 20.62 25.90 56.10
N ARG D 206 21.64 26.48 55.47
CA ARG D 206 22.71 27.19 56.15
C ARG D 206 22.25 28.32 57.05
N LYS D 207 23.21 28.89 57.78
CA LYS D 207 22.94 29.98 58.71
C LYS D 207 22.41 31.23 58.01
N TYR D 208 23.28 31.92 57.30
CA TYR D 208 22.90 33.16 56.61
C TYR D 208 21.67 33.02 55.74
N VAL D 209 21.60 31.98 54.93
CA VAL D 209 20.44 31.78 54.07
C VAL D 209 19.18 31.79 54.92
N ARG D 210 19.22 31.01 56.00
CA ARG D 210 18.10 30.91 56.93
C ARG D 210 17.76 32.27 57.49
N TYR D 211 18.81 33.08 57.66
CA TYR D 211 18.70 34.42 58.20
C TYR D 211 18.06 35.40 57.21
N TYR D 212 18.72 35.61 56.09
CA TYR D 212 18.24 36.54 55.08
C TYR D 212 16.93 36.14 54.42
N ARG D 213 16.67 34.84 54.35
CA ARG D 213 15.44 34.34 53.74
C ARG D 213 14.27 35.20 54.18
N ASP D 214 14.15 35.37 55.49
CA ASP D 214 13.09 36.16 56.12
C ASP D 214 12.93 37.55 55.55
N PHE D 215 14.05 38.26 55.41
CA PHE D 215 14.02 39.60 54.88
C PHE D 215 13.68 39.59 53.39
N VAL D 216 14.25 38.65 52.66
CA VAL D 216 13.96 38.55 51.23
C VAL D 216 12.46 38.38 51.04
N LEU D 217 11.89 37.41 51.74
CA LEU D 217 10.46 37.17 51.65
C LEU D 217 9.69 38.47 51.88
N GLU D 218 10.23 39.32 52.74
CA GLU D 218 9.61 40.59 53.05
C GLU D 218 9.89 41.59 51.94
N LEU D 219 11.11 41.57 51.41
CA LEU D 219 11.48 42.46 50.33
C LEU D 219 10.53 42.24 49.16
N ASN D 220 10.22 40.99 48.88
CA ASN D 220 9.32 40.64 47.79
C ASN D 220 7.86 40.89 48.15
N LYS D 221 7.40 40.36 49.27
CA LYS D 221 6.02 40.53 49.71
C LYS D 221 5.58 42.00 49.67
N ALA D 222 6.54 42.91 49.81
CA ALA D 222 6.26 44.33 49.81
C ALA D 222 6.53 44.94 48.45
N LEU D 223 7.67 44.59 47.87
CA LEU D 223 8.07 45.12 46.58
C LEU D 223 7.02 44.78 45.51
N ALA D 224 6.08 43.92 45.86
CA ALA D 224 5.02 43.51 44.95
C ALA D 224 3.68 44.14 45.33
N VAL D 225 3.74 45.23 46.10
CA VAL D 225 2.53 45.92 46.54
C VAL D 225 2.70 47.42 46.36
N ASP D 226 3.95 47.83 46.10
CA ASP D 226 4.31 49.23 45.90
C ASP D 226 3.65 49.86 44.67
N PRO D 227 2.68 50.77 44.87
CA PRO D 227 2.00 51.43 43.74
C PRO D 227 2.90 52.34 42.91
N ARG D 228 4.20 52.37 43.21
CA ARG D 228 5.10 53.24 42.47
C ARG D 228 6.03 52.46 41.53
N ILE D 229 5.81 51.15 41.42
CA ILE D 229 6.63 50.28 40.57
C ILE D 229 5.79 49.21 39.88
N GLU D 230 6.34 48.59 38.85
CA GLU D 230 5.62 47.54 38.13
C GLU D 230 6.29 46.17 38.30
N ILE D 231 7.58 46.19 38.62
CA ILE D 231 8.37 44.99 38.85
C ILE D 231 8.30 43.85 37.82
N CYS D 232 9.07 42.80 38.12
CA CYS D 232 9.18 41.60 37.30
C CYS D 232 10.29 40.71 37.89
N MET D 233 9.92 39.52 38.36
CA MET D 233 10.91 38.61 38.93
C MET D 233 11.51 37.71 37.85
N LEU D 234 12.78 37.95 37.53
CA LEU D 234 13.47 37.18 36.52
C LEU D 234 14.36 36.10 37.11
N PRO D 235 13.98 34.83 36.91
CA PRO D 235 14.76 33.69 37.42
C PRO D 235 16.17 33.63 36.86
N VAL D 236 16.81 34.78 36.77
CA VAL D 236 18.17 34.86 36.26
C VAL D 236 19.09 34.76 37.48
N GLY D 237 20.29 34.21 37.29
CA GLY D 237 21.23 34.06 38.40
C GLY D 237 20.61 33.49 39.67
N ASP D 238 20.61 34.28 40.74
CA ASP D 238 20.04 33.84 42.00
C ASP D 238 18.73 34.58 42.21
N GLY D 239 18.35 35.34 41.19
CA GLY D 239 17.13 36.11 41.23
C GLY D 239 17.39 37.60 41.07
N ILE D 240 16.43 38.30 40.45
CA ILE D 240 16.52 39.74 40.25
C ILE D 240 15.14 40.33 40.01
N THR D 241 14.69 41.17 40.94
CA THR D 241 13.41 41.82 40.80
C THR D 241 13.69 43.19 40.19
N ILE D 242 13.05 43.48 39.06
CA ILE D 242 13.24 44.75 38.37
C ILE D 242 11.98 45.59 38.45
N CYS D 243 12.11 46.79 38.99
CA CYS D 243 10.96 47.70 39.13
C CYS D 243 10.97 48.82 38.10
N ARG D 244 9.84 49.53 38.00
CA ARG D 244 9.71 50.64 37.08
C ARG D 244 8.97 51.77 37.78
N ARG D 245 9.55 52.97 37.72
CA ARG D 245 8.95 54.15 38.37
C ARG D 245 7.76 54.68 37.55
N ILE D 246 6.58 54.68 38.16
CA ILE D 246 5.38 55.15 37.48
C ILE D 246 4.72 56.32 38.23
N LYS D 247 4.65 56.21 39.55
CA LYS D 247 4.04 57.26 40.37
C LYS D 247 5.15 58.05 41.07
CA CA E . 5.83 -1.59 -19.45
N SAH F . 4.33 -7.85 -20.85
CA SAH F . 5.49 -7.18 -21.57
CB SAH F . 5.14 -5.74 -21.90
CG SAH F . 5.99 -4.63 -22.61
SD SAH F . 6.33 -4.75 -24.43
C SAH F . 6.73 -7.39 -20.61
O SAH F . 7.83 -7.65 -21.18
OXT SAH F . 6.58 -7.30 -19.36
C5' SAH F . 4.72 -5.13 -25.15
C4' SAH F . 4.57 -5.40 -26.69
O4' SAH F . 3.45 -4.75 -27.35
C3' SAH F . 5.71 -5.05 -27.69
O3' SAH F . 6.78 -5.92 -27.39
C2' SAH F . 5.06 -5.38 -29.07
O2' SAH F . 5.48 -6.41 -29.86
C1' SAH F . 3.62 -5.29 -28.70
N9 SAH F . 2.67 -4.57 -29.55
C8 SAH F . 2.87 -3.33 -30.11
N7 SAH F . 1.85 -2.99 -30.81
C5 SAH F . 0.96 -4.04 -30.71
C6 SAH F . -0.38 -4.23 -31.30
N6 SAH F . -0.94 -3.32 -32.06
N1 SAH F . -0.95 -5.41 -30.97
C2 SAH F . -0.38 -6.37 -30.17
N3 SAH F . 0.82 -6.22 -29.64
C4 SAH F . 1.43 -5.04 -29.94
N1A SPF G . 21.63 14.04 -27.05
C2A SPF G . 21.97 13.99 -25.72
N3A SPF G . 22.37 14.95 -24.94
C4A SPF G . 22.43 16.12 -25.60
C5A SPF G . 22.12 16.34 -26.94
C6A SPF G . 21.70 15.24 -27.70
N6A SPF G . 21.37 15.29 -28.98
N7A SPF G . 22.31 17.66 -27.27
C8A SPF G . 22.72 18.23 -26.12
N9A SPF G . 22.81 17.34 -25.10
C1B SPF G . 23.23 17.59 -23.71
C2B SPF G . 23.09 19.04 -23.30
O2B SPF G . 24.13 19.42 -22.38
C3B SPF G . 21.70 19.08 -22.65
O3B SPF G . 21.48 20.14 -21.70
P3B SPF G . 21.03 21.58 -22.23
O7A SPF G . 19.61 21.54 -22.67
O8A SPF G . 21.88 21.98 -23.38
O9A SPF G . 21.27 22.47 -20.92
C4B SPF G . 21.68 17.71 -21.98
O4B SPF G . 22.42 16.85 -22.88
C5B SPF G . 20.32 17.12 -21.72
O5B SPF G . 19.92 15.95 -22.03
P1A SPF G . 18.87 14.69 -21.93
O1A SPF G . 18.71 14.07 -23.24
O2A SPF G . 17.55 15.19 -21.44
O3A SPF G . 19.42 13.55 -20.86
P2A SPF G . 18.86 12.54 -20.06
O4A SPF G . 17.82 13.18 -19.22
O5A SPF G . 19.89 11.95 -19.17
O6A SPF G . 18.24 11.44 -20.84
CBP SPF G . 18.31 9.09 -21.40
CCP SPF G . 19.09 10.29 -20.83
CDP SPF G . 16.80 9.42 -21.45
CEP SPF G . 18.80 8.75 -22.81
CAP SPF G . 18.41 8.09 -20.42
OAP SPF G . 19.50 7.86 -19.55
C9P SPF G . 17.29 6.92 -20.13
O9P SPF G . 16.28 7.17 -19.34
N8P SPF G . 17.60 5.70 -20.71
C7P SPF G . 16.47 4.58 -20.56
C6P SPF G . 16.70 3.40 -19.51
C5P SPF G . 15.36 3.06 -18.93
O5P SPF G . 15.30 3.34 -17.74
N4P SPF G . 14.52 2.23 -19.41
C3P SPF G . 13.06 2.36 -18.85
C2P SPF G . 12.82 4.00 -19.49
S1P SPF G . 11.36 4.10 -20.06
C1 SPF G . 6.43 0.34 -25.16
C2 SPF G . 6.88 1.58 -25.42
C3 SPF G . 7.81 2.14 -24.61
C4 SPF G . 8.46 1.58 -23.48
C5 SPF G . 8.07 0.26 -23.15
C6 SPF G . 6.97 -0.39 -23.98
C7 SPF G . 9.40 2.57 -22.94
C8 SPF G . 10.41 2.41 -22.20
C9 SPF G . 11.22 2.92 -21.18
O10 SPF G . 12.19 2.21 -21.21
O11 SPF G . 6.37 2.23 -26.52
C11 SPF G . 5.23 1.94 -27.33
O12 SPF G . 5.49 -0.19 -25.96
O13 SPF G . 6.33 -1.62 -23.81
C13 SPF G . 4.90 -1.66 -23.74
CA CA H . -29.96 -42.09 -29.52
N SAH I . -25.06 -36.88 -31.00
CA SAH I . -25.66 -38.26 -30.99
CB SAH I . -26.25 -38.63 -32.34
CG SAH I . -26.93 -39.96 -32.70
SD SAH I . -28.63 -39.77 -33.40
C SAH I . -24.50 -39.20 -30.55
O SAH I . -24.45 -39.52 -29.33
OXT SAH I . -23.70 -39.60 -31.44
C5' SAH I . -28.23 -40.21 -35.09
C4' SAH I . -29.30 -40.20 -36.17
O4' SAH I . -29.18 -41.36 -36.99
C3' SAH I . -30.81 -40.23 -35.82
O3' SAH I . -31.16 -38.96 -35.32
C2' SAH I . -31.44 -40.53 -37.22
O2' SAH I . -32.20 -39.61 -37.89
C1' SAH I . -30.28 -41.23 -37.94
N9 SAH I . -30.45 -42.65 -38.34
C8 SAH I . -31.52 -43.42 -37.92
N7 SAH I . -31.47 -44.61 -38.40
C5 SAH I . -30.33 -44.63 -39.18
C6 SAH I . -29.75 -45.72 -39.96
N6 SAH I . -30.34 -46.91 -40.02
N1 SAH I . -28.60 -45.40 -40.60
C2 SAH I . -28.00 -44.18 -40.55
N3 SAH I . -28.49 -43.16 -39.83
C4 SAH I . -29.64 -43.45 -39.17
CA CA J . 2.40 9.17 8.07
N SAH K . -1.44 10.84 6.95
CA SAH K . -1.18 9.86 8.07
CB SAH K . -0.78 10.56 9.36
CG SAH K . -0.45 9.86 10.70
SD SAH K . 0.63 10.85 11.82
C SAH K . -2.50 9.05 8.22
O SAH K . -2.41 7.78 8.13
OXT SAH K . -3.58 9.67 8.40
C5' SAH K . 0.20 10.05 13.36
C4' SAH K . 0.83 10.54 14.64
O4' SAH K . 0.30 9.81 15.77
C3' SAH K . 2.34 10.43 14.89
O3' SAH K . 2.98 11.39 14.07
C2' SAH K . 2.44 10.76 16.42
O2' SAH K . 3.01 11.92 16.89
C1' SAH K . 1.03 10.37 16.92
N9 SAH K . 0.98 9.26 17.90
C8 SAH K . 1.75 9.28 19.06
N7 SAH K . 1.56 8.24 19.77
C5 SAH K . 0.64 7.48 19.08
C6 SAH K . 0.04 6.17 19.41
N6 SAH K . 0.38 5.53 20.52
N1 SAH K . -0.82 5.73 18.50
C2 SAH K . -1.17 6.39 17.37
N3 SAH K . -0.66 7.57 17.01
C4 SAH K . 0.24 8.06 17.91
CA CA L . 24.75 38.79 43.33
N SAH M . 27.48 43.09 42.90
CA SAH M . 28.35 42.04 43.60
CB SAH M . 27.66 41.51 44.86
CG SAH M . 28.24 40.45 45.82
SD SAH M . 28.37 40.96 47.61
C SAH M . 28.61 40.94 42.50
O SAH M . 29.55 41.17 41.66
OXT SAH M . 27.87 39.91 42.49
C5' SAH M . 29.18 42.54 47.44
C4' SAH M . 29.51 43.29 48.71
O4' SAH M . 28.46 44.12 49.23
C3' SAH M . 29.92 42.49 49.96
O3' SAH M . 31.13 41.84 49.64
C2' SAH M . 30.06 43.62 51.01
O2' SAH M . 31.26 44.00 51.54
C1' SAH M . 29.12 44.68 50.43
N9 SAH M . 27.98 45.11 51.27
C8 SAH M . 27.10 44.24 51.89
N7 SAH M . 26.22 44.86 52.57
C5 SAH M . 26.51 46.21 52.41
C6 SAH M . 25.84 47.40 52.95
N6 SAH M . 24.78 47.29 53.74
N1 SAH M . 26.41 48.56 52.59
C2 SAH M . 27.50 48.67 51.78
N3 SAH M . 28.13 47.62 51.26
C4 SAH M . 27.59 46.42 51.62
#